data_7PJD
#
_entry.id   7PJD
#
_cell.length_a   65.640
_cell.length_b   79.430
_cell.length_c   100.930
_cell.angle_alpha   90.000
_cell.angle_beta   91.600
_cell.angle_gamma   90.000
#
_symmetry.space_group_name_H-M   'P 1 21 1'
#
loop_
_entity.id
_entity.type
_entity.pdbx_description
1 polymer 'Juvenile hormone diol kinase'
2 non-polymer 'CALCIUM ION'
3 water water
#
_entity_poly.entity_id   1
_entity_poly.type   'polypeptide(L)'
_entity_poly.pdbx_seq_one_letter_code
;HMVSEVRKKKLLHVFTVFFDSDKSGVVEKQDFELAAQNIAKLRGWAPGSPAYDILQESMIAIWLGLQKQADADGDGKVTQ
DEWLALWDEYAKDPAAAKDWQNLLCKSIFQIQDSSNDGSVDVNEYVTVHESFGLNKEESTEAFKKLAKGKDSISWADFQE
LWKEYFSSDDPDVPGNYIFGRLTC
;
_entity_poly.pdbx_strand_id   A,B,C,D,E,F
#
# COMPACT_ATOMS: atom_id res chain seq x y z
N MET A 2 15.97 -9.15 4.63
CA MET A 2 15.19 -9.58 3.43
C MET A 2 13.70 -9.68 3.80
N VAL A 3 13.38 -10.05 5.03
CA VAL A 3 11.97 -10.10 5.55
C VAL A 3 11.88 -9.26 6.83
N SER A 4 11.00 -8.25 6.89
CA SER A 4 10.86 -7.35 8.07
C SER A 4 10.49 -8.21 9.27
N GLU A 5 10.70 -7.71 10.48
CA GLU A 5 10.29 -8.41 11.73
C GLU A 5 8.75 -8.50 11.73
N VAL A 6 8.07 -7.51 11.15
CA VAL A 6 6.57 -7.50 11.06
C VAL A 6 6.10 -8.72 10.24
N ARG A 7 6.76 -8.99 9.12
CA ARG A 7 6.37 -10.09 8.24
C ARG A 7 6.87 -11.41 8.84
N LYS A 8 8.09 -11.46 9.40
CA LYS A 8 8.59 -12.67 10.12
C LYS A 8 7.51 -13.08 11.17
N LYS A 9 7.09 -12.16 12.00
CA LYS A 9 6.10 -12.45 13.06
C LYS A 9 4.88 -13.10 12.39
N LYS A 10 4.39 -12.54 11.29
CA LYS A 10 3.19 -13.05 10.59
C LYS A 10 3.47 -14.43 9.96
N LEU A 11 4.64 -14.62 9.38
CA LEU A 11 4.95 -15.92 8.74
C LEU A 11 5.01 -17.05 9.79
N LEU A 12 5.63 -16.78 10.92
CA LEU A 12 5.83 -17.79 11.98
C LEU A 12 4.49 -18.03 12.71
N HIS A 13 3.61 -17.04 12.80
CA HIS A 13 2.27 -17.25 13.40
C HIS A 13 1.53 -18.32 12.58
N VAL A 14 1.46 -18.17 11.25
CA VAL A 14 0.82 -19.15 10.34
C VAL A 14 1.50 -20.49 10.53
N PHE A 15 2.83 -20.53 10.55
CA PHE A 15 3.56 -21.81 10.69
C PHE A 15 3.15 -22.48 12.01
N THR A 16 3.23 -21.77 13.14
CA THR A 16 3.17 -22.44 14.47
C THR A 16 1.72 -22.74 14.84
N VAL A 17 0.76 -21.94 14.38
CA VAL A 17 -0.66 -22.07 14.77
C VAL A 17 -1.44 -22.86 13.73
N PHE A 18 -1.29 -22.53 12.43
CA PHE A 18 -2.18 -23.03 11.37
C PHE A 18 -1.56 -24.22 10.64
N PHE A 19 -0.25 -24.36 10.55
CA PHE A 19 0.34 -25.55 9.92
C PHE A 19 0.69 -26.64 10.96
N ASP A 20 1.34 -26.29 12.09
CA ASP A 20 1.94 -27.24 13.06
C ASP A 20 0.89 -27.58 14.13
N SER A 21 -0.22 -28.14 13.68
CA SER A 21 -1.38 -28.42 14.57
C SER A 21 -0.92 -29.17 15.83
N ASP A 22 0.09 -30.02 15.75
CA ASP A 22 0.38 -31.00 16.83
C ASP A 22 1.50 -30.40 17.65
N LYS A 23 1.99 -29.23 17.25
CA LYS A 23 2.94 -28.45 18.09
C LYS A 23 4.27 -29.19 18.19
N SER A 24 4.56 -30.15 17.32
CA SER A 24 5.90 -30.81 17.27
C SER A 24 7.01 -29.78 16.99
N GLY A 25 6.71 -28.61 16.42
CA GLY A 25 7.73 -27.66 15.89
C GLY A 25 8.11 -27.91 14.41
N VAL A 26 7.67 -29.03 13.83
CA VAL A 26 7.95 -29.44 12.42
C VAL A 26 6.61 -29.78 11.76
N VAL A 27 6.43 -29.32 10.52
CA VAL A 27 5.17 -29.50 9.74
C VAL A 27 5.32 -30.76 8.88
N GLU A 28 4.29 -31.61 9.01
CA GLU A 28 4.18 -32.93 8.40
C GLU A 28 2.72 -33.16 8.01
N LYS A 29 2.52 -34.11 7.10
CA LYS A 29 1.17 -34.46 6.64
C LYS A 29 0.24 -34.66 7.85
N GLN A 30 0.67 -35.35 8.91
CA GLN A 30 -0.26 -35.66 10.05
C GLN A 30 -0.77 -34.36 10.67
N ASP A 31 -0.08 -33.22 10.55
CA ASP A 31 -0.61 -31.98 11.16
C ASP A 31 -1.91 -31.61 10.46
N PHE A 32 -2.00 -31.86 9.16
CA PHE A 32 -3.14 -31.40 8.35
C PHE A 32 -4.30 -32.41 8.46
N GLU A 33 -4.00 -33.69 8.65
CA GLU A 33 -5.02 -34.71 9.04
C GLU A 33 -5.66 -34.31 10.38
N LEU A 34 -4.84 -33.92 11.36
CA LEU A 34 -5.32 -33.47 12.71
C LEU A 34 -6.16 -32.21 12.57
N ALA A 35 -5.69 -31.21 11.80
CA ALA A 35 -6.44 -29.96 11.58
C ALA A 35 -7.85 -30.27 11.05
N ALA A 36 -7.97 -31.12 10.05
CA ALA A 36 -9.28 -31.55 9.53
C ALA A 36 -10.11 -32.24 10.62
N GLN A 37 -9.54 -33.21 11.35
CA GLN A 37 -10.23 -33.87 12.51
C GLN A 37 -10.79 -32.83 13.51
N ASN A 38 -9.95 -31.86 13.89
CA ASN A 38 -10.32 -30.83 14.91
C ASN A 38 -11.46 -29.95 14.41
N ILE A 39 -11.43 -29.52 13.16
CA ILE A 39 -12.54 -28.71 12.60
C ILE A 39 -13.80 -29.58 12.49
N ALA A 40 -13.70 -30.79 11.96
CA ALA A 40 -14.87 -31.70 11.77
C ALA A 40 -15.51 -31.98 13.14
N LYS A 41 -14.70 -32.22 14.17
CA LYS A 41 -15.22 -32.41 15.55
C LYS A 41 -16.04 -31.20 15.94
N LEU A 42 -15.57 -29.95 15.76
CA LEU A 42 -16.42 -28.80 16.18
C LEU A 42 -17.65 -28.69 15.30
N ARG A 43 -17.57 -29.08 14.03
CA ARG A 43 -18.76 -28.97 13.13
C ARG A 43 -19.73 -30.12 13.36
N GLY A 44 -19.30 -31.21 14.02
CA GLY A 44 -20.15 -32.38 14.21
C GLY A 44 -20.18 -33.20 12.95
N TRP A 45 -19.15 -33.10 12.11
CA TRP A 45 -19.00 -33.91 10.88
C TRP A 45 -18.25 -35.19 11.22
N ALA A 46 -18.90 -36.33 11.15
CA ALA A 46 -18.32 -37.63 11.52
C ALA A 46 -17.20 -38.00 10.54
N PRO A 47 -16.11 -38.64 11.01
CA PRO A 47 -15.03 -39.04 10.09
C PRO A 47 -15.59 -40.05 9.09
N GLY A 48 -15.11 -40.07 7.85
CA GLY A 48 -15.69 -40.90 6.77
C GLY A 48 -17.03 -40.35 6.27
N SER A 49 -17.51 -39.20 6.75
CA SER A 49 -18.75 -38.61 6.21
C SER A 49 -18.32 -37.91 4.92
N PRO A 50 -19.27 -37.69 3.99
CA PRO A 50 -18.96 -36.93 2.78
C PRO A 50 -18.31 -35.57 3.11
N ALA A 51 -18.93 -34.77 3.98
CA ALA A 51 -18.39 -33.42 4.30
C ALA A 51 -16.96 -33.55 4.88
N TYR A 52 -16.70 -34.57 5.66
CA TYR A 52 -15.41 -34.75 6.36
C TYR A 52 -14.30 -34.96 5.32
N ASP A 53 -14.56 -35.72 4.27
CA ASP A 53 -13.53 -36.10 3.26
C ASP A 53 -13.26 -34.92 2.34
N ILE A 54 -14.24 -34.10 1.99
CA ILE A 54 -13.96 -32.82 1.28
C ILE A 54 -12.96 -32.05 2.15
N LEU A 55 -13.25 -31.87 3.44
CA LEU A 55 -12.41 -31.04 4.36
C LEU A 55 -11.00 -31.65 4.41
N GLN A 56 -10.90 -32.96 4.59
CA GLN A 56 -9.57 -33.59 4.69
C GLN A 56 -8.78 -33.43 3.37
N GLU A 57 -9.46 -33.55 2.23
CA GLU A 57 -8.83 -33.46 0.88
C GLU A 57 -8.27 -32.06 0.72
N SER A 58 -9.11 -31.07 0.95
CA SER A 58 -8.75 -29.65 1.02
C SER A 58 -7.51 -29.51 1.90
N MET A 59 -7.47 -30.10 3.11
CA MET A 59 -6.32 -29.92 4.02
C MET A 59 -5.09 -30.64 3.46
N ILE A 60 -5.24 -31.84 2.90
CA ILE A 60 -4.08 -32.57 2.29
C ILE A 60 -3.55 -31.73 1.11
N ALA A 61 -4.41 -31.06 0.36
CA ALA A 61 -3.99 -30.26 -0.82
C ALA A 61 -3.08 -29.11 -0.35
N ILE A 62 -3.38 -28.48 0.78
CA ILE A 62 -2.53 -27.41 1.36
C ILE A 62 -1.17 -28.01 1.72
N TRP A 63 -1.17 -29.18 2.39
CA TRP A 63 0.08 -29.86 2.80
C TRP A 63 0.94 -30.12 1.56
N LEU A 64 0.42 -30.72 0.50
CA LEU A 64 1.28 -31.11 -0.66
C LEU A 64 1.89 -29.87 -1.35
N GLY A 65 1.14 -28.77 -1.45
CA GLY A 65 1.61 -27.51 -2.04
C GLY A 65 2.72 -26.97 -1.17
N LEU A 66 2.51 -27.01 0.13
CA LEU A 66 3.56 -26.63 1.10
C LEU A 66 4.79 -27.52 0.98
N GLN A 67 4.61 -28.83 0.90
CA GLN A 67 5.76 -29.75 0.83
C GLN A 67 6.54 -29.46 -0.45
N LYS A 68 5.85 -29.28 -1.58
CA LYS A 68 6.55 -29.11 -2.90
C LYS A 68 7.39 -27.83 -2.86
N GLN A 69 6.84 -26.78 -2.26
CA GLN A 69 7.44 -25.43 -2.18
C GLN A 69 8.63 -25.38 -1.22
N ALA A 70 8.53 -25.98 -0.03
CA ALA A 70 9.44 -25.68 1.10
C ALA A 70 10.25 -26.90 1.58
N ASP A 71 9.87 -28.16 1.29
CA ASP A 71 10.69 -29.30 1.79
C ASP A 71 11.93 -29.46 0.92
N ALA A 72 13.02 -28.72 1.22
CA ALA A 72 14.21 -28.59 0.36
C ALA A 72 15.05 -29.88 0.43
N ASP A 73 15.02 -30.58 1.55
CA ASP A 73 15.89 -31.78 1.71
C ASP A 73 15.14 -33.09 1.41
N GLY A 74 13.84 -33.02 1.10
CA GLY A 74 13.04 -34.19 0.69
C GLY A 74 12.90 -35.24 1.79
N ASP A 75 12.74 -34.84 3.06
CA ASP A 75 12.53 -35.78 4.20
C ASP A 75 11.01 -35.92 4.42
N GLY A 76 10.19 -35.15 3.69
CA GLY A 76 8.73 -35.12 3.83
C GLY A 76 8.27 -34.24 4.97
N LYS A 77 9.13 -33.33 5.45
CA LYS A 77 8.78 -32.42 6.56
C LYS A 77 9.25 -31.01 6.21
N VAL A 78 8.58 -30.01 6.78
CA VAL A 78 8.86 -28.59 6.59
C VAL A 78 9.19 -28.03 7.97
N THR A 79 10.47 -27.74 8.15
CA THR A 79 11.00 -27.05 9.35
C THR A 79 10.62 -25.58 9.29
N GLN A 80 10.68 -24.91 10.43
CA GLN A 80 10.55 -23.43 10.50
C GLN A 80 11.64 -22.73 9.63
N ASP A 81 12.89 -23.21 9.63
CA ASP A 81 13.98 -22.64 8.79
C ASP A 81 13.60 -22.82 7.30
N GLU A 82 13.06 -23.99 6.90
CA GLU A 82 12.63 -24.24 5.48
C GLU A 82 11.50 -23.27 5.07
N TRP A 83 10.54 -23.00 5.95
CA TRP A 83 9.44 -22.02 5.71
C TRP A 83 10.03 -20.60 5.51
N LEU A 84 10.84 -20.12 6.44
CA LEU A 84 11.41 -18.76 6.31
C LEU A 84 12.32 -18.72 5.06
N ALA A 85 12.99 -19.83 4.71
CA ALA A 85 13.96 -19.87 3.57
C ALA A 85 13.22 -19.66 2.24
N LEU A 86 12.04 -20.26 2.09
CA LEU A 86 11.12 -20.02 0.95
C LEU A 86 10.87 -18.53 0.80
N TRP A 87 10.56 -17.84 1.91
CA TRP A 87 10.14 -16.43 1.86
C TRP A 87 11.35 -15.52 1.55
N ASP A 88 12.56 -15.95 1.87
CA ASP A 88 13.80 -15.22 1.45
C ASP A 88 13.91 -15.35 -0.07
N GLU A 89 13.61 -16.53 -0.63
CA GLU A 89 13.56 -16.78 -2.10
C GLU A 89 12.53 -15.86 -2.76
N TYR A 90 11.33 -15.73 -2.20
CA TYR A 90 10.25 -14.90 -2.79
C TYR A 90 10.58 -13.41 -2.66
N ALA A 91 11.40 -13.03 -1.69
CA ALA A 91 11.84 -11.64 -1.47
C ALA A 91 12.67 -11.16 -2.68
N LYS A 92 13.51 -12.05 -3.26
CA LYS A 92 14.34 -11.79 -4.45
C LYS A 92 13.51 -11.87 -5.74
N ASP A 93 12.48 -12.74 -5.75
CA ASP A 93 11.67 -13.00 -6.97
C ASP A 93 10.18 -13.10 -6.61
N PRO A 94 9.52 -11.98 -6.22
CA PRO A 94 8.15 -12.04 -5.70
C PRO A 94 7.14 -12.69 -6.68
N ALA A 95 7.36 -12.45 -7.99
CA ALA A 95 6.56 -12.92 -9.12
C ALA A 95 6.41 -14.44 -9.07
N ALA A 96 7.41 -15.18 -8.59
CA ALA A 96 7.42 -16.66 -8.57
C ALA A 96 6.48 -17.20 -7.49
N ALA A 97 6.19 -16.42 -6.43
CA ALA A 97 5.30 -16.77 -5.30
C ALA A 97 3.83 -16.84 -5.72
N LYS A 98 3.45 -16.25 -6.87
CA LYS A 98 2.04 -15.90 -7.19
C LYS A 98 1.14 -17.12 -7.31
N ASP A 99 1.53 -18.16 -8.07
CA ASP A 99 0.68 -19.35 -8.34
C ASP A 99 0.39 -20.02 -6.99
N TRP A 100 1.41 -20.35 -6.24
CA TRP A 100 1.25 -21.07 -4.96
C TRP A 100 0.45 -20.24 -3.93
N GLN A 101 0.80 -18.98 -3.75
CA GLN A 101 0.06 -18.08 -2.83
C GLN A 101 -1.41 -18.12 -3.20
N ASN A 102 -1.71 -18.13 -4.50
CA ASN A 102 -3.10 -18.00 -4.95
C ASN A 102 -3.83 -19.29 -4.58
N LEU A 103 -3.20 -20.43 -4.75
CA LEU A 103 -3.83 -21.74 -4.41
C LEU A 103 -4.01 -21.85 -2.90
N LEU A 104 -3.00 -21.50 -2.12
CA LEU A 104 -3.12 -21.49 -0.66
C LEU A 104 -4.26 -20.56 -0.23
N CYS A 105 -4.32 -19.31 -0.71
CA CYS A 105 -5.41 -18.33 -0.37
C CYS A 105 -6.79 -19.01 -0.55
N LYS A 106 -6.96 -19.68 -1.68
CA LYS A 106 -8.25 -20.26 -2.11
C LYS A 106 -8.64 -21.45 -1.20
N SER A 107 -7.66 -22.29 -0.88
CA SER A 107 -7.78 -23.47 0.02
C SER A 107 -8.23 -22.97 1.39
N ILE A 108 -7.58 -21.91 1.87
CA ILE A 108 -7.86 -21.42 3.25
C ILE A 108 -9.30 -20.90 3.27
N PHE A 109 -9.70 -20.15 2.25
CA PHE A 109 -11.07 -19.62 2.18
C PHE A 109 -12.06 -20.81 2.14
N GLN A 110 -11.74 -21.84 1.35
CA GLN A 110 -12.63 -23.02 1.15
C GLN A 110 -12.89 -23.72 2.49
N ILE A 111 -11.85 -23.92 3.27
CA ILE A 111 -11.97 -24.56 4.59
C ILE A 111 -12.88 -23.73 5.48
N GLN A 112 -12.83 -22.39 5.41
CA GLN A 112 -13.65 -21.56 6.32
C GLN A 112 -15.11 -21.49 5.85
N ASP A 113 -15.36 -21.44 4.55
CA ASP A 113 -16.72 -21.24 4.00
C ASP A 113 -17.54 -22.55 3.98
N SER A 114 -17.96 -23.06 5.14
CA SER A 114 -18.68 -24.36 5.23
C SER A 114 -20.09 -24.26 4.61
N SER A 115 -20.65 -23.06 4.41
CA SER A 115 -22.00 -22.93 3.79
C SER A 115 -21.91 -22.86 2.26
N ASN A 116 -20.71 -22.76 1.70
CA ASN A 116 -20.46 -22.60 0.24
C ASN A 116 -21.10 -21.34 -0.39
N ASP A 117 -21.53 -20.35 0.41
CA ASP A 117 -22.23 -19.15 -0.12
C ASP A 117 -21.18 -18.13 -0.61
N GLY A 118 -19.88 -18.39 -0.42
CA GLY A 118 -18.78 -17.64 -1.01
C GLY A 118 -18.40 -16.42 -0.18
N SER A 119 -18.82 -16.39 1.09
CA SER A 119 -18.47 -15.37 2.11
C SER A 119 -18.15 -16.12 3.41
N VAL A 120 -17.29 -15.57 4.25
CA VAL A 120 -16.97 -16.16 5.57
C VAL A 120 -17.63 -15.34 6.67
N ASP A 121 -18.55 -15.94 7.45
CA ASP A 121 -19.28 -15.20 8.51
C ASP A 121 -18.51 -15.38 9.83
N VAL A 122 -18.97 -14.76 10.92
CA VAL A 122 -18.17 -14.76 12.18
C VAL A 122 -18.13 -16.18 12.78
N ASN A 123 -19.21 -16.94 12.64
N ASN A 123 -19.23 -16.92 12.66
CA ASN A 123 -19.29 -18.30 13.24
CA ASN A 123 -19.33 -18.30 13.21
C ASN A 123 -18.39 -19.23 12.42
C ASN A 123 -18.33 -19.16 12.43
N GLU A 124 -18.34 -19.06 11.10
CA GLU A 124 -17.41 -19.82 10.23
C GLU A 124 -15.98 -19.50 10.63
N TYR A 125 -15.66 -18.22 10.83
CA TYR A 125 -14.27 -17.75 11.08
C TYR A 125 -13.84 -18.23 12.48
N VAL A 126 -14.66 -17.90 13.47
CA VAL A 126 -14.40 -18.20 14.90
C VAL A 126 -14.28 -19.72 15.14
N THR A 127 -15.20 -20.52 14.59
CA THR A 127 -15.20 -22.01 14.75
C THR A 127 -13.86 -22.58 14.27
N VAL A 128 -13.38 -22.18 13.09
CA VAL A 128 -12.08 -22.65 12.56
C VAL A 128 -10.95 -22.17 13.47
N HIS A 129 -10.96 -20.92 13.92
CA HIS A 129 -9.93 -20.39 14.85
C HIS A 129 -9.92 -21.19 16.17
N GLU A 130 -11.09 -21.45 16.76
N GLU A 130 -11.08 -21.47 16.77
CA GLU A 130 -11.22 -22.27 18.00
CA GLU A 130 -11.17 -22.29 18.02
C GLU A 130 -10.61 -23.68 17.76
C GLU A 130 -10.58 -23.70 17.77
N SER A 131 -10.81 -24.30 16.59
CA SER A 131 -10.25 -25.63 16.27
C SER A 131 -8.73 -25.58 16.34
N PHE A 132 -8.12 -24.45 15.98
CA PHE A 132 -6.64 -24.29 15.97
C PHE A 132 -6.14 -23.83 17.35
N GLY A 133 -7.02 -23.72 18.32
CA GLY A 133 -6.69 -23.46 19.73
C GLY A 133 -6.59 -21.97 20.07
N LEU A 134 -7.14 -21.08 19.24
CA LEU A 134 -7.17 -19.64 19.56
C LEU A 134 -8.36 -19.31 20.46
N ASN A 135 -8.30 -18.17 21.15
CA ASN A 135 -9.40 -17.67 22.01
C ASN A 135 -10.55 -17.19 21.13
N LYS A 136 -11.76 -17.59 21.49
CA LYS A 136 -13.03 -17.24 20.81
C LYS A 136 -13.27 -15.73 20.79
N GLU A 137 -13.21 -15.06 21.95
CA GLU A 137 -13.47 -13.61 22.06
C GLU A 137 -12.44 -12.87 21.19
N GLU A 138 -11.16 -13.27 21.26
CA GLU A 138 -10.01 -12.66 20.55
C GLU A 138 -10.21 -12.85 19.04
N SER A 139 -10.67 -14.02 18.59
CA SER A 139 -10.98 -14.23 17.15
C SER A 139 -12.22 -13.42 16.76
N THR A 140 -13.22 -13.31 17.65
CA THR A 140 -14.42 -12.49 17.37
C THR A 140 -13.98 -11.03 17.09
N GLU A 141 -13.11 -10.48 17.95
CA GLU A 141 -12.51 -9.11 17.76
C GLU A 141 -11.72 -9.05 16.44
N ALA A 142 -10.87 -10.04 16.14
CA ALA A 142 -10.07 -10.06 14.89
C ALA A 142 -11.04 -10.03 13.69
N PHE A 143 -12.05 -10.87 13.68
CA PHE A 143 -13.11 -10.80 12.66
C PHE A 143 -13.68 -9.37 12.49
N LYS A 144 -14.08 -8.70 13.57
CA LYS A 144 -14.64 -7.31 13.51
C LYS A 144 -13.65 -6.35 12.79
N LYS A 145 -12.35 -6.48 13.01
CA LYS A 145 -11.29 -5.71 12.30
C LYS A 145 -11.20 -6.08 10.81
N LEU A 146 -11.52 -7.32 10.43
CA LEU A 146 -11.51 -7.76 9.01
C LEU A 146 -12.75 -7.29 8.23
N ALA A 147 -13.94 -7.33 8.83
CA ALA A 147 -15.23 -7.34 8.11
C ALA A 147 -15.73 -5.92 7.85
N LYS A 148 -15.07 -4.91 8.42
CA LYS A 148 -15.39 -3.48 8.18
C LYS A 148 -16.89 -3.28 8.36
N GLY A 149 -17.50 -3.72 9.46
CA GLY A 149 -18.92 -3.45 9.75
C GLY A 149 -19.86 -4.50 9.18
N LYS A 150 -19.39 -5.46 8.37
CA LYS A 150 -20.25 -6.45 7.66
C LYS A 150 -20.29 -7.73 8.48
N ASP A 151 -21.34 -8.52 8.27
CA ASP A 151 -21.55 -9.85 8.89
C ASP A 151 -20.71 -10.90 8.15
N SER A 152 -20.16 -10.57 6.98
CA SER A 152 -19.40 -11.59 6.22
C SER A 152 -18.24 -10.94 5.46
N ILE A 153 -17.19 -11.73 5.23
CA ILE A 153 -15.97 -11.39 4.42
C ILE A 153 -16.16 -12.05 3.04
N SER A 154 -16.26 -11.26 1.98
CA SER A 154 -16.44 -11.80 0.60
C SER A 154 -15.11 -12.44 0.18
N TRP A 155 -15.15 -13.26 -0.88
CA TRP A 155 -13.90 -13.82 -1.50
C TRP A 155 -13.00 -12.67 -1.91
N ALA A 156 -13.56 -11.63 -2.49
CA ALA A 156 -12.85 -10.45 -3.06
C ALA A 156 -12.12 -9.73 -1.92
N ASP A 157 -12.81 -9.53 -0.77
CA ASP A 157 -12.17 -8.88 0.43
C ASP A 157 -11.06 -9.77 0.92
N PHE A 158 -11.32 -11.08 0.99
CA PHE A 158 -10.36 -12.06 1.50
C PHE A 158 -9.05 -12.04 0.71
N GLN A 159 -9.11 -11.98 -0.61
CA GLN A 159 -7.86 -11.96 -1.43
C GLN A 159 -7.03 -10.71 -1.05
N GLU A 160 -7.67 -9.56 -0.86
CA GLU A 160 -6.94 -8.34 -0.46
C GLU A 160 -6.33 -8.55 0.94
N LEU A 161 -7.13 -9.00 1.89
CA LEU A 161 -6.63 -9.16 3.28
C LEU A 161 -5.42 -10.12 3.30
N TRP A 162 -5.52 -11.27 2.59
CA TRP A 162 -4.44 -12.25 2.33
C TRP A 162 -3.18 -11.54 1.82
N LYS A 163 -3.28 -10.77 0.74
CA LYS A 163 -2.08 -10.05 0.20
C LYS A 163 -1.40 -9.22 1.31
N GLU A 164 -2.17 -8.46 2.08
CA GLU A 164 -1.67 -7.60 3.18
C GLU A 164 -0.95 -8.48 4.22
N TYR A 165 -1.56 -9.60 4.61
CA TYR A 165 -1.03 -10.47 5.67
C TYR A 165 0.35 -10.91 5.22
N PHE A 166 0.51 -11.41 4.01
CA PHE A 166 1.77 -12.03 3.55
C PHE A 166 2.74 -10.99 2.98
N SER A 167 2.27 -9.83 2.53
CA SER A 167 3.17 -8.86 1.85
C SER A 167 3.42 -7.61 2.68
N SER A 168 2.45 -7.09 3.42
CA SER A 168 2.57 -5.73 4.01
C SER A 168 3.60 -5.75 5.15
N ASP A 169 4.58 -4.84 5.13
CA ASP A 169 5.50 -4.65 6.29
C ASP A 169 4.87 -3.68 7.31
N ASP A 170 3.59 -3.33 7.15
CA ASP A 170 2.81 -2.44 8.05
C ASP A 170 2.27 -3.25 9.21
N PRO A 171 2.62 -2.93 10.48
CA PRO A 171 2.17 -3.74 11.61
C PRO A 171 0.67 -3.60 11.86
N ASP A 172 -0.03 -2.65 11.25
CA ASP A 172 -1.45 -2.38 11.59
C ASP A 172 -2.33 -2.20 10.35
N VAL A 173 -2.31 -3.14 9.40
CA VAL A 173 -3.30 -3.16 8.29
C VAL A 173 -4.28 -4.26 8.61
N PRO A 174 -5.56 -4.14 8.18
CA PRO A 174 -6.60 -5.05 8.68
C PRO A 174 -6.32 -6.52 8.29
N GLY A 175 -5.65 -6.73 7.17
CA GLY A 175 -5.28 -8.05 6.66
C GLY A 175 -4.37 -8.80 7.62
N ASN A 176 -3.73 -8.12 8.57
CA ASN A 176 -2.84 -8.74 9.57
C ASN A 176 -3.64 -9.57 10.56
N TYR A 177 -4.97 -9.49 10.54
CA TYR A 177 -5.91 -10.19 11.44
C TYR A 177 -6.52 -11.46 10.82
N ILE A 178 -6.13 -11.86 9.61
CA ILE A 178 -6.83 -12.99 8.93
C ILE A 178 -6.59 -14.28 9.69
N PHE A 179 -5.49 -14.42 10.41
CA PHE A 179 -5.22 -15.67 11.18
C PHE A 179 -5.42 -15.39 12.68
N GLY A 180 -6.32 -14.47 13.00
CA GLY A 180 -6.73 -14.10 14.37
C GLY A 180 -5.77 -13.12 15.02
N ARG A 181 -5.81 -13.07 16.35
CA ARG A 181 -4.83 -12.28 17.13
C ARG A 181 -3.45 -12.92 16.95
N LEU A 182 -2.44 -12.12 16.62
CA LEU A 182 -1.07 -12.62 16.29
C LEU A 182 -0.36 -13.10 17.57
N THR A 183 0.37 -14.19 17.48
CA THR A 183 1.35 -14.67 18.46
C THR A 183 2.70 -14.06 18.08
N CYS A 184 3.53 -13.86 19.10
CA CYS A 184 4.79 -13.10 19.08
C CYS A 184 5.91 -14.09 18.73
N HIS B 1 7.89 -29.65 24.99
CA HIS B 1 7.77 -28.18 25.43
C HIS B 1 8.17 -27.99 26.89
N MET B 2 9.28 -27.28 27.14
CA MET B 2 9.78 -26.97 28.51
C MET B 2 8.96 -25.81 29.08
N VAL B 3 8.44 -24.94 28.23
CA VAL B 3 7.64 -23.74 28.63
C VAL B 3 6.23 -23.79 28.01
N SER B 4 5.20 -23.68 28.86
CA SER B 4 3.80 -23.61 28.42
C SER B 4 3.54 -22.36 27.56
N GLU B 5 2.42 -22.40 26.85
CA GLU B 5 1.90 -21.30 26.00
C GLU B 5 1.59 -20.10 26.91
N VAL B 6 0.93 -20.36 28.04
CA VAL B 6 0.59 -19.25 28.99
C VAL B 6 1.89 -18.48 29.30
N ARG B 7 2.96 -19.20 29.63
CA ARG B 7 4.23 -18.61 30.07
C ARG B 7 4.98 -18.01 28.89
N LYS B 8 4.89 -18.65 27.73
CA LYS B 8 5.54 -18.15 26.49
C LYS B 8 4.99 -16.75 26.19
N LYS B 9 3.67 -16.57 26.25
CA LYS B 9 3.06 -15.26 25.94
C LYS B 9 3.53 -14.23 26.96
N LYS B 10 3.62 -14.60 28.24
CA LYS B 10 4.09 -13.68 29.31
C LYS B 10 5.54 -13.30 29.05
N LEU B 11 6.39 -14.27 28.73
CA LEU B 11 7.82 -14.01 28.48
C LEU B 11 8.00 -13.12 27.25
N LEU B 12 7.18 -13.30 26.21
CA LEU B 12 7.33 -12.50 24.98
C LEU B 12 6.72 -11.12 25.21
N HIS B 13 5.66 -11.00 25.99
CA HIS B 13 5.08 -9.67 26.31
C HIS B 13 6.18 -8.81 26.92
N VAL B 14 6.90 -9.34 27.92
CA VAL B 14 7.95 -8.56 28.64
C VAL B 14 9.02 -8.20 27.61
N PHE B 15 9.47 -9.17 26.80
CA PHE B 15 10.54 -8.91 25.79
C PHE B 15 10.12 -7.76 24.87
N THR B 16 8.90 -7.79 24.34
CA THR B 16 8.53 -6.92 23.19
C THR B 16 8.16 -5.53 23.69
N VAL B 17 7.67 -5.44 24.92
CA VAL B 17 7.18 -4.13 25.44
C VAL B 17 8.23 -3.51 26.36
N PHE B 18 8.72 -4.23 27.35
CA PHE B 18 9.59 -3.67 28.40
C PHE B 18 11.06 -3.75 28.01
N PHE B 19 11.49 -4.65 27.12
CA PHE B 19 12.92 -4.73 26.76
C PHE B 19 13.18 -3.97 25.45
N ASP B 20 12.37 -4.21 24.40
CA ASP B 20 12.60 -3.66 23.02
C ASP B 20 11.84 -2.33 22.83
N SER B 21 12.20 -1.33 23.64
CA SER B 21 11.61 0.01 23.61
C SER B 21 11.65 0.56 22.18
N ASP B 22 12.71 0.34 21.38
CA ASP B 22 12.77 0.97 20.03
C ASP B 22 12.07 0.07 19.02
N LYS B 23 11.51 -1.06 19.44
CA LYS B 23 10.67 -1.93 18.58
C LYS B 23 11.49 -2.46 17.40
N SER B 24 12.81 -2.59 17.49
CA SER B 24 13.67 -3.12 16.39
C SER B 24 13.37 -4.61 16.25
N GLY B 25 12.88 -5.25 17.31
CA GLY B 25 12.73 -6.70 17.30
C GLY B 25 13.91 -7.39 17.95
N VAL B 26 15.05 -6.69 18.17
CA VAL B 26 16.14 -7.23 19.03
C VAL B 26 16.46 -6.23 20.12
N VAL B 27 16.86 -6.76 21.26
CA VAL B 27 17.12 -5.97 22.49
C VAL B 27 18.59 -5.57 22.55
N GLU B 28 18.84 -4.26 22.75
CA GLU B 28 20.18 -3.66 22.76
C GLU B 28 20.29 -2.64 23.91
N LYS B 29 21.51 -2.25 24.21
CA LYS B 29 21.79 -1.21 25.24
C LYS B 29 20.91 0.01 24.98
N GLN B 30 20.83 0.44 23.73
CA GLN B 30 20.13 1.70 23.37
C GLN B 30 18.65 1.59 23.70
N ASP B 31 18.11 0.37 23.82
CA ASP B 31 16.70 0.19 24.23
C ASP B 31 16.47 0.73 25.65
N PHE B 32 17.42 0.45 26.53
CA PHE B 32 17.30 0.77 27.98
C PHE B 32 17.66 2.24 28.18
N GLU B 33 18.56 2.80 27.35
CA GLU B 33 18.80 4.26 27.33
C GLU B 33 17.47 4.94 26.94
N LEU B 34 16.80 4.49 25.87
CA LEU B 34 15.51 5.07 25.40
C LEU B 34 14.43 4.94 26.47
N ALA B 35 14.34 3.78 27.13
CA ALA B 35 13.43 3.53 28.30
C ALA B 35 13.65 4.58 29.42
N ALA B 36 14.88 4.80 29.87
CA ALA B 36 15.18 5.81 30.92
C ALA B 36 14.68 7.16 30.44
N GLN B 37 14.98 7.52 29.20
CA GLN B 37 14.65 8.83 28.62
C GLN B 37 13.12 8.99 28.55
N ASN B 38 12.37 7.97 28.16
CA ASN B 38 10.87 8.05 28.08
C ASN B 38 10.29 8.23 29.50
N ILE B 39 10.79 7.48 30.47
CA ILE B 39 10.26 7.61 31.86
C ILE B 39 10.56 9.01 32.42
N ALA B 40 11.79 9.45 32.22
CA ALA B 40 12.25 10.75 32.72
C ALA B 40 11.33 11.86 32.18
N LYS B 41 11.10 11.86 30.86
CA LYS B 41 10.24 12.88 30.19
C LYS B 41 8.92 12.94 30.95
N LEU B 42 8.21 11.81 31.09
CA LEU B 42 6.88 11.76 31.76
C LEU B 42 6.98 12.26 33.22
N ARG B 43 8.10 12.02 33.90
CA ARG B 43 8.29 12.47 35.30
C ARG B 43 8.74 13.93 35.36
N GLY B 44 9.23 14.53 34.28
CA GLY B 44 9.69 15.93 34.31
C GLY B 44 11.09 16.03 34.90
N TRP B 45 11.87 14.95 34.79
CA TRP B 45 13.31 14.85 35.18
C TRP B 45 14.17 15.27 33.99
N ALA B 46 14.83 16.40 34.10
CA ALA B 46 15.67 17.01 33.03
C ALA B 46 16.89 16.13 32.82
N PRO B 47 17.38 15.97 31.57
CA PRO B 47 18.65 15.25 31.36
C PRO B 47 19.73 15.93 32.21
N GLY B 48 20.65 15.13 32.77
CA GLY B 48 21.73 15.67 33.62
C GLY B 48 21.27 15.93 35.04
N SER B 49 20.00 15.71 35.38
CA SER B 49 19.50 15.85 36.77
C SER B 49 20.00 14.62 37.53
N PRO B 50 20.26 14.74 38.85
CA PRO B 50 20.59 13.59 39.69
C PRO B 50 19.61 12.41 39.60
N ALA B 51 18.29 12.68 39.61
CA ALA B 51 17.21 11.66 39.51
C ALA B 51 17.29 10.91 38.17
N TYR B 52 17.60 11.64 37.12
CA TYR B 52 17.75 11.15 35.72
C TYR B 52 18.90 10.15 35.65
N ASP B 53 20.03 10.45 36.29
CA ASP B 53 21.26 9.63 36.21
C ASP B 53 21.06 8.32 37.02
N ILE B 54 20.38 8.32 38.18
CA ILE B 54 20.06 7.03 38.89
C ILE B 54 19.26 6.15 37.92
N LEU B 55 18.22 6.71 37.30
CA LEU B 55 17.29 5.99 36.39
C LEU B 55 18.07 5.47 35.17
N GLN B 56 18.87 6.30 34.52
CA GLN B 56 19.84 5.87 33.48
C GLN B 56 20.64 4.64 33.94
N GLU B 57 21.32 4.72 35.09
CA GLU B 57 22.20 3.63 35.64
C GLU B 57 21.38 2.37 35.93
N SER B 58 20.22 2.55 36.53
CA SER B 58 19.29 1.48 36.88
C SER B 58 19.02 0.71 35.57
N MET B 59 18.60 1.41 34.52
CA MET B 59 18.20 0.79 33.23
C MET B 59 19.39 0.05 32.57
N ILE B 60 20.57 0.62 32.62
CA ILE B 60 21.79 0.08 31.96
C ILE B 60 22.19 -1.18 32.71
N ALA B 61 21.96 -1.18 34.03
CA ALA B 61 22.25 -2.33 34.92
C ALA B 61 21.38 -3.49 34.50
N ILE B 62 20.09 -3.24 34.21
CA ILE B 62 19.13 -4.26 33.68
C ILE B 62 19.65 -4.77 32.33
N TRP B 63 20.06 -3.85 31.45
CA TRP B 63 20.66 -4.28 30.15
C TRP B 63 21.85 -5.21 30.44
N LEU B 64 22.78 -4.83 31.29
CA LEU B 64 24.04 -5.62 31.47
C LEU B 64 23.74 -7.02 32.05
N GLY B 65 22.77 -7.12 32.97
CA GLY B 65 22.33 -8.41 33.52
C GLY B 65 21.76 -9.30 32.43
N LEU B 66 20.88 -8.73 31.59
CA LEU B 66 20.16 -9.51 30.55
C LEU B 66 21.18 -10.02 29.53
N GLN B 67 22.08 -9.13 29.09
CA GLN B 67 23.16 -9.45 28.14
C GLN B 67 23.94 -10.63 28.72
N LYS B 68 24.40 -10.51 29.96
CA LYS B 68 25.23 -11.58 30.59
C LYS B 68 24.44 -12.90 30.60
N GLN B 69 23.15 -12.90 30.93
CA GLN B 69 22.35 -14.14 30.99
C GLN B 69 22.02 -14.65 29.58
N ALA B 70 21.63 -13.81 28.61
CA ALA B 70 20.87 -14.28 27.42
C ALA B 70 21.69 -14.22 26.13
N ASP B 71 22.75 -13.44 26.06
CA ASP B 71 23.43 -13.16 24.75
C ASP B 71 24.43 -14.27 24.49
N ALA B 72 23.95 -15.41 24.00
CA ALA B 72 24.72 -16.66 23.90
C ALA B 72 25.82 -16.50 22.86
N ASP B 73 25.57 -15.75 21.78
CA ASP B 73 26.53 -15.65 20.66
C ASP B 73 27.53 -14.50 20.89
N GLY B 74 27.29 -13.62 21.85
CA GLY B 74 28.26 -12.55 22.21
C GLY B 74 28.21 -11.35 21.28
N ASP B 75 27.13 -11.13 20.52
CA ASP B 75 27.07 -10.08 19.46
C ASP B 75 26.61 -8.77 20.08
N GLY B 76 26.23 -8.75 21.36
CA GLY B 76 25.80 -7.55 22.12
C GLY B 76 24.32 -7.25 21.91
N LYS B 77 23.58 -8.21 21.32
CA LYS B 77 22.13 -8.10 21.05
C LYS B 77 21.44 -9.33 21.63
N VAL B 78 20.23 -9.15 22.13
CA VAL B 78 19.41 -10.28 22.62
C VAL B 78 18.18 -10.46 21.73
N THR B 79 18.11 -11.61 21.05
CA THR B 79 16.97 -11.96 20.19
C THR B 79 15.88 -12.62 21.04
N GLN B 80 14.67 -12.59 20.52
CA GLN B 80 13.51 -13.33 21.09
C GLN B 80 13.91 -14.76 21.42
N ASP B 81 14.55 -15.46 20.51
CA ASP B 81 14.89 -16.88 20.74
C ASP B 81 15.94 -17.00 21.84
N GLU B 82 16.91 -16.09 21.94
CA GLU B 82 17.94 -16.13 23.02
C GLU B 82 17.23 -16.01 24.39
N TRP B 83 16.19 -15.18 24.44
CA TRP B 83 15.41 -14.90 25.66
C TRP B 83 14.64 -16.18 25.98
N LEU B 84 13.89 -16.73 25.05
CA LEU B 84 13.10 -17.96 25.30
C LEU B 84 14.07 -19.11 25.63
N ALA B 85 15.23 -19.19 24.99
CA ALA B 85 16.19 -20.30 25.25
C ALA B 85 16.68 -20.16 26.70
N LEU B 86 16.77 -18.92 27.20
CA LEU B 86 17.15 -18.71 28.62
C LEU B 86 16.18 -19.49 29.50
N TRP B 87 14.86 -19.38 29.26
CA TRP B 87 13.79 -20.00 30.10
C TRP B 87 13.65 -21.51 29.86
N ASP B 88 14.09 -22.06 28.73
CA ASP B 88 14.15 -23.54 28.49
C ASP B 88 15.26 -24.12 29.35
N GLU B 89 16.39 -23.42 29.44
CA GLU B 89 17.53 -23.81 30.31
C GLU B 89 17.01 -23.74 31.76
N TYR B 90 16.35 -22.62 32.12
CA TYR B 90 15.74 -22.40 33.47
C TYR B 90 14.72 -23.50 33.78
N ALA B 91 14.00 -24.04 32.78
CA ALA B 91 13.08 -25.19 32.99
C ALA B 91 13.88 -26.42 33.44
N LYS B 92 15.00 -26.68 32.75
CA LYS B 92 15.90 -27.82 33.07
C LYS B 92 16.44 -27.69 34.51
N ASP B 93 16.80 -26.46 34.92
CA ASP B 93 17.65 -26.18 36.12
C ASP B 93 17.18 -24.86 36.72
N PRO B 94 16.10 -24.87 37.55
CA PRO B 94 15.50 -23.64 38.07
C PRO B 94 16.33 -22.87 39.12
N ALA B 95 17.23 -23.56 39.87
CA ALA B 95 18.22 -23.00 40.83
C ALA B 95 19.16 -21.98 40.15
N ALA B 96 19.43 -22.15 38.86
CA ALA B 96 20.30 -21.29 38.01
C ALA B 96 19.66 -19.92 37.75
N ALA B 97 18.32 -19.79 37.76
CA ALA B 97 17.63 -18.51 37.49
C ALA B 97 17.77 -17.56 38.68
N LYS B 98 17.77 -18.14 39.89
CA LYS B 98 17.42 -17.40 41.14
C LYS B 98 18.15 -16.05 41.12
N ASP B 99 19.48 -16.03 41.17
CA ASP B 99 20.22 -14.79 41.50
C ASP B 99 19.75 -13.70 40.53
N TRP B 100 19.75 -14.00 39.23
CA TRP B 100 19.53 -12.97 38.19
C TRP B 100 18.04 -12.58 38.15
N GLN B 101 17.15 -13.55 38.19
CA GLN B 101 15.70 -13.35 38.38
C GLN B 101 15.45 -12.38 39.55
N ASN B 102 16.13 -12.61 40.67
CA ASN B 102 15.97 -11.84 41.93
C ASN B 102 16.45 -10.40 41.69
N LEU B 103 17.62 -10.22 41.04
CA LEU B 103 18.15 -8.90 40.65
C LEU B 103 17.14 -8.16 39.75
N LEU B 104 16.55 -8.85 38.78
CA LEU B 104 15.64 -8.21 37.80
C LEU B 104 14.35 -7.74 38.49
N CYS B 105 13.80 -8.55 39.38
CA CYS B 105 12.59 -8.20 40.16
C CYS B 105 12.92 -6.91 40.93
N LYS B 106 14.05 -6.89 41.60
CA LYS B 106 14.43 -5.70 42.41
C LYS B 106 14.57 -4.45 41.52
N SER B 107 15.28 -4.57 40.40
CA SER B 107 15.48 -3.48 39.41
C SER B 107 14.14 -2.93 38.95
N ILE B 108 13.22 -3.80 38.57
CA ILE B 108 11.94 -3.32 38.02
C ILE B 108 11.15 -2.62 39.12
N PHE B 109 11.19 -3.11 40.36
CA PHE B 109 10.49 -2.44 41.47
C PHE B 109 11.09 -1.04 41.71
N GLN B 110 12.40 -0.95 41.67
CA GLN B 110 13.19 0.32 41.85
C GLN B 110 12.80 1.35 40.81
N ILE B 111 12.71 0.93 39.56
CA ILE B 111 12.28 1.82 38.46
C ILE B 111 10.91 2.40 38.84
N GLN B 112 9.95 1.58 39.26
CA GLN B 112 8.54 2.03 39.47
C GLN B 112 8.37 2.86 40.75
N ASP B 113 9.08 2.53 41.85
CA ASP B 113 8.93 3.20 43.17
C ASP B 113 9.74 4.50 43.19
N SER B 114 9.35 5.48 42.39
CA SER B 114 10.04 6.80 42.30
C SER B 114 10.00 7.51 43.65
N SER B 115 8.99 7.25 44.49
CA SER B 115 8.88 7.87 45.83
C SER B 115 9.85 7.22 46.83
N ASN B 116 10.55 6.12 46.50
CA ASN B 116 11.39 5.33 47.45
C ASN B 116 10.64 4.93 48.74
N ASP B 117 9.31 4.82 48.77
CA ASP B 117 8.53 4.54 50.03
C ASP B 117 8.42 3.03 50.30
N GLY B 118 8.88 2.18 49.40
CA GLY B 118 8.81 0.71 49.49
C GLY B 118 7.51 0.17 48.95
N SER B 119 6.66 1.01 48.35
CA SER B 119 5.44 0.50 47.69
C SER B 119 5.26 1.11 46.30
N VAL B 120 4.66 0.35 45.40
CA VAL B 120 4.31 0.90 44.06
C VAL B 120 2.81 1.25 44.09
N ASP B 121 2.49 2.53 43.87
CA ASP B 121 1.08 2.97 43.76
C ASP B 121 0.66 3.00 42.29
N VAL B 122 -0.62 3.23 42.07
CA VAL B 122 -1.25 3.11 40.71
C VAL B 122 -0.65 4.18 39.78
N ASN B 123 -0.33 5.37 40.26
CA ASN B 123 0.26 6.44 39.42
C ASN B 123 1.66 6.02 39.05
N GLU B 124 2.42 5.50 40.00
CA GLU B 124 3.79 5.03 39.70
C GLU B 124 3.73 3.97 38.61
N TYR B 125 2.81 3.02 38.77
CA TYR B 125 2.71 1.82 37.89
C TYR B 125 2.27 2.29 36.49
N VAL B 126 1.19 3.05 36.42
CA VAL B 126 0.58 3.43 35.13
C VAL B 126 1.53 4.38 34.37
N THR B 127 2.23 5.32 35.03
CA THR B 127 3.13 6.26 34.33
C THR B 127 4.27 5.46 33.69
N VAL B 128 4.78 4.42 34.35
CA VAL B 128 5.86 3.58 33.76
C VAL B 128 5.32 2.82 32.55
N HIS B 129 4.12 2.23 32.64
CA HIS B 129 3.43 1.52 31.53
C HIS B 129 3.19 2.46 30.33
N GLU B 130 2.66 3.68 30.54
CA GLU B 130 2.43 4.73 29.52
C GLU B 130 3.76 5.07 28.82
N SER B 131 4.86 5.08 29.56
CA SER B 131 6.20 5.37 28.99
C SER B 131 6.56 4.27 28.00
N PHE B 132 6.01 3.04 28.16
CA PHE B 132 6.36 1.88 27.28
C PHE B 132 5.33 1.72 26.17
N GLY B 133 4.32 2.58 26.18
CA GLY B 133 3.33 2.70 25.12
C GLY B 133 2.05 1.95 25.43
N LEU B 134 1.84 1.49 26.66
CA LEU B 134 0.61 0.74 27.04
C LEU B 134 -0.49 1.75 27.28
N ASN B 135 -1.74 1.34 27.11
CA ASN B 135 -2.94 2.16 27.33
C ASN B 135 -3.15 2.36 28.83
N LYS B 136 -3.54 3.56 29.24
CA LYS B 136 -3.60 3.96 30.67
C LYS B 136 -4.77 3.25 31.35
N GLU B 137 -5.94 3.25 30.71
CA GLU B 137 -7.15 2.58 31.25
C GLU B 137 -6.87 1.08 31.41
N GLU B 138 -6.12 0.47 30.50
CA GLU B 138 -5.93 -1.00 30.51
C GLU B 138 -4.89 -1.36 31.59
N SER B 139 -3.88 -0.52 31.80
CA SER B 139 -2.85 -0.64 32.85
C SER B 139 -3.49 -0.35 34.24
N THR B 140 -4.44 0.57 34.32
CA THR B 140 -5.18 0.88 35.57
C THR B 140 -6.03 -0.33 35.97
N GLU B 141 -6.70 -0.94 35.02
CA GLU B 141 -7.44 -2.20 35.23
C GLU B 141 -6.45 -3.29 35.68
N ALA B 142 -5.33 -3.49 34.99
CA ALA B 142 -4.37 -4.54 35.37
C ALA B 142 -3.95 -4.34 36.84
N PHE B 143 -3.69 -3.10 37.26
CA PHE B 143 -3.24 -2.79 38.63
C PHE B 143 -4.26 -3.24 39.66
N LYS B 144 -5.52 -2.93 39.40
CA LYS B 144 -6.66 -3.29 40.25
C LYS B 144 -6.67 -4.83 40.43
N LYS B 145 -6.28 -5.58 39.42
CA LYS B 145 -6.23 -7.06 39.45
C LYS B 145 -4.98 -7.46 40.21
N LEU B 146 -3.86 -6.76 40.03
CA LEU B 146 -2.62 -7.05 40.79
C LEU B 146 -2.80 -6.86 42.29
N ALA B 147 -3.50 -5.79 42.66
CA ALA B 147 -3.39 -5.13 43.97
C ALA B 147 -4.56 -5.57 44.83
N LYS B 148 -5.42 -6.41 44.26
CA LYS B 148 -6.63 -6.89 44.94
C LYS B 148 -7.40 -5.66 45.42
N GLY B 149 -7.59 -4.72 44.48
CA GLY B 149 -8.43 -3.52 44.66
C GLY B 149 -7.82 -2.47 45.58
N LYS B 150 -6.62 -2.70 46.16
CA LYS B 150 -5.86 -1.76 47.04
C LYS B 150 -5.11 -0.73 46.22
N ASP B 151 -4.57 0.29 46.89
CA ASP B 151 -4.00 1.50 46.25
C ASP B 151 -2.51 1.35 46.02
N SER B 152 -1.86 0.33 46.57
CA SER B 152 -0.40 0.11 46.43
C SER B 152 -0.07 -1.38 46.54
N ILE B 153 1.13 -1.72 46.11
CA ILE B 153 1.74 -3.09 46.12
C ILE B 153 3.03 -2.91 46.92
N SER B 154 3.19 -3.64 48.01
CA SER B 154 4.44 -3.61 48.79
C SER B 154 5.52 -4.39 48.04
N TRP B 155 6.74 -4.29 48.49
CA TRP B 155 7.86 -5.13 48.00
C TRP B 155 7.55 -6.62 48.20
N ALA B 156 7.10 -7.01 49.39
CA ALA B 156 6.77 -8.42 49.74
C ALA B 156 5.73 -8.97 48.73
N ASP B 157 4.68 -8.19 48.47
CA ASP B 157 3.61 -8.63 47.52
C ASP B 157 4.18 -8.59 46.08
N PHE B 158 4.97 -7.60 45.75
CA PHE B 158 5.56 -7.57 44.39
C PHE B 158 6.38 -8.84 44.15
N GLN B 159 7.17 -9.29 45.11
CA GLN B 159 8.08 -10.43 44.88
C GLN B 159 7.23 -11.67 44.58
N GLU B 160 6.09 -11.86 45.27
CA GLU B 160 5.23 -13.04 45.04
C GLU B 160 4.48 -12.91 43.71
N LEU B 161 3.94 -11.75 43.37
CA LEU B 161 3.28 -11.53 42.04
C LEU B 161 4.26 -11.77 40.87
N TRP B 162 5.49 -11.27 40.98
CA TRP B 162 6.61 -11.52 40.03
C TRP B 162 6.78 -13.02 39.82
N LYS B 163 6.83 -13.78 40.89
CA LYS B 163 7.09 -15.23 40.78
C LYS B 163 5.91 -15.85 40.03
N GLU B 164 4.69 -15.38 40.27
CA GLU B 164 3.54 -15.90 39.49
C GLU B 164 3.73 -15.55 38.01
N TYR B 165 4.12 -14.34 37.67
CA TYR B 165 4.29 -13.94 36.26
C TYR B 165 5.32 -14.85 35.56
N PHE B 166 6.51 -14.98 36.12
CA PHE B 166 7.59 -15.70 35.44
C PHE B 166 7.34 -17.21 35.53
N SER B 167 6.77 -17.75 36.60
CA SER B 167 6.73 -19.22 36.86
C SER B 167 5.40 -19.90 36.68
N SER B 168 4.28 -19.23 36.80
CA SER B 168 2.99 -19.97 36.88
C SER B 168 2.46 -20.30 35.48
N ASP B 169 2.07 -21.54 35.26
CA ASP B 169 1.23 -21.98 34.10
C ASP B 169 -0.27 -21.64 34.34
N ASP B 170 -0.65 -21.14 35.50
CA ASP B 170 -2.06 -20.87 35.84
C ASP B 170 -2.45 -19.56 35.16
N PRO B 171 -3.42 -19.54 34.23
CA PRO B 171 -3.80 -18.29 33.58
C PRO B 171 -4.51 -17.29 34.51
N ASP B 172 -4.99 -17.71 35.67
CA ASP B 172 -5.95 -16.92 36.49
C ASP B 172 -5.29 -16.18 37.65
N VAL B 173 -4.00 -16.35 37.91
CA VAL B 173 -3.37 -15.79 39.14
C VAL B 173 -3.10 -14.30 38.95
N PRO B 174 -3.20 -13.55 40.05
CA PRO B 174 -3.03 -12.10 40.02
C PRO B 174 -1.69 -11.59 39.44
N GLY B 175 -0.59 -12.27 39.73
CA GLY B 175 0.75 -11.92 39.21
C GLY B 175 0.83 -11.84 37.69
N ASN B 176 -0.12 -12.43 36.95
CA ASN B 176 -0.04 -12.41 35.47
C ASN B 176 -0.25 -10.98 34.94
N TYR B 177 -0.75 -10.08 35.80
CA TYR B 177 -1.05 -8.67 35.48
C TYR B 177 0.10 -7.69 35.81
N ILE B 178 1.28 -8.17 36.19
CA ILE B 178 2.33 -7.28 36.76
C ILE B 178 2.92 -6.40 35.66
N PHE B 179 2.82 -6.79 34.41
CA PHE B 179 3.32 -5.99 33.27
C PHE B 179 2.17 -5.48 32.41
N GLY B 180 0.96 -5.38 32.98
CA GLY B 180 -0.21 -4.84 32.27
C GLY B 180 -0.90 -5.83 31.37
N ARG B 181 -1.80 -5.32 30.52
CA ARG B 181 -2.58 -6.15 29.56
C ARG B 181 -1.61 -6.81 28.58
N LEU B 182 -1.62 -8.15 28.45
CA LEU B 182 -0.64 -8.86 27.55
C LEU B 182 -0.90 -8.44 26.08
N THR B 183 0.18 -8.27 25.32
CA THR B 183 0.21 -7.90 23.87
C THR B 183 0.58 -9.14 23.05
N CYS B 184 0.81 -10.30 23.66
CA CYS B 184 1.26 -11.56 23.00
C CYS B 184 0.27 -12.66 23.34
N MET C 2 1.60 3.61 5.72
CA MET C 2 0.72 4.83 5.69
C MET C 2 -0.24 4.81 6.90
N VAL C 3 -1.26 5.69 6.85
CA VAL C 3 -2.17 6.17 7.91
C VAL C 3 -3.59 5.79 7.52
N SER C 4 -4.44 5.36 8.46
CA SER C 4 -5.82 4.93 8.17
C SER C 4 -6.67 6.10 7.69
N GLU C 5 -7.84 5.81 7.14
CA GLU C 5 -8.82 6.86 6.74
C GLU C 5 -9.29 7.59 7.99
N VAL C 6 -9.47 6.91 9.12
CA VAL C 6 -9.98 7.58 10.35
C VAL C 6 -8.99 8.64 10.80
N ARG C 7 -7.70 8.27 10.81
CA ARG C 7 -6.60 9.12 11.31
C ARG C 7 -6.31 10.23 10.31
N LYS C 8 -6.33 9.93 9.00
CA LYS C 8 -6.18 10.98 7.96
C LYS C 8 -7.19 12.08 8.23
N LYS C 9 -8.46 11.76 8.46
CA LYS C 9 -9.51 12.79 8.64
C LYS C 9 -9.21 13.63 9.90
N LYS C 10 -8.67 13.00 10.94
CA LYS C 10 -8.32 13.73 12.18
C LYS C 10 -7.10 14.62 11.90
N LEU C 11 -6.10 14.14 11.17
CA LEU C 11 -4.87 14.95 10.95
C LEU C 11 -5.25 16.16 10.07
N LEU C 12 -6.13 15.96 9.11
CA LEU C 12 -6.55 17.07 8.21
C LEU C 12 -7.38 18.07 8.99
N HIS C 13 -8.27 17.64 9.86
CA HIS C 13 -9.13 18.55 10.67
C HIS C 13 -8.22 19.52 11.46
N VAL C 14 -7.22 19.00 12.15
CA VAL C 14 -6.22 19.82 12.89
C VAL C 14 -5.65 20.84 11.90
N PHE C 15 -5.09 20.35 10.79
CA PHE C 15 -4.44 21.20 9.76
C PHE C 15 -5.40 22.30 9.31
N THR C 16 -6.55 21.93 8.80
CA THR C 16 -7.44 22.91 8.11
C THR C 16 -8.09 23.85 9.13
N VAL C 17 -8.27 23.46 10.40
CA VAL C 17 -9.05 24.27 11.40
C VAL C 17 -8.09 24.91 12.40
N PHE C 18 -7.04 24.23 12.89
CA PHE C 18 -6.19 24.79 13.97
C PHE C 18 -4.90 25.43 13.39
N PHE C 19 -4.32 24.92 12.31
CA PHE C 19 -3.04 25.43 11.76
C PHE C 19 -3.32 26.50 10.69
N ASP C 20 -4.31 26.32 9.85
CA ASP C 20 -4.58 27.18 8.66
C ASP C 20 -5.60 28.27 8.99
N SER C 21 -5.30 29.20 9.89
CA SER C 21 -6.28 30.22 10.35
C SER C 21 -6.83 31.10 9.21
N ASP C 22 -6.00 31.51 8.23
CA ASP C 22 -6.48 32.40 7.13
C ASP C 22 -7.22 31.54 6.10
N LYS C 23 -7.26 30.20 6.22
CA LYS C 23 -8.02 29.34 5.26
C LYS C 23 -7.46 29.49 3.83
N SER C 24 -6.17 29.73 3.66
CA SER C 24 -5.46 29.69 2.36
C SER C 24 -5.31 28.23 1.84
N GLY C 25 -5.36 27.20 2.69
CA GLY C 25 -5.15 25.80 2.27
C GLY C 25 -3.72 25.40 2.56
N VAL C 26 -2.89 26.39 2.90
CA VAL C 26 -1.42 26.23 3.10
C VAL C 26 -1.05 26.95 4.38
N VAL C 27 -0.21 26.32 5.20
CA VAL C 27 0.13 26.81 6.55
C VAL C 27 1.46 27.58 6.47
N GLU C 28 1.46 28.78 7.05
CA GLU C 28 2.63 29.69 7.16
C GLU C 28 2.71 30.34 8.55
N LYS C 29 3.83 30.95 8.87
CA LYS C 29 3.95 31.73 10.12
C LYS C 29 2.71 32.60 10.34
N GLN C 30 2.24 33.31 9.33
CA GLN C 30 1.16 34.34 9.50
C GLN C 30 -0.15 33.70 9.96
N ASP C 31 -0.33 32.42 9.69
CA ASP C 31 -1.49 31.68 10.21
C ASP C 31 -1.51 31.75 11.76
N PHE C 32 -0.37 31.49 12.39
CA PHE C 32 -0.18 31.35 13.84
C PHE C 32 -0.26 32.75 14.45
N GLU C 33 0.27 33.76 13.72
CA GLU C 33 0.11 35.18 14.15
C GLU C 33 -1.38 35.56 14.17
N LEU C 34 -2.13 35.22 13.15
CA LEU C 34 -3.60 35.44 13.11
C LEU C 34 -4.30 34.65 14.23
N ALA C 35 -3.98 33.39 14.47
CA ALA C 35 -4.62 32.54 15.51
C ALA C 35 -4.49 33.23 16.90
N ALA C 36 -3.29 33.72 17.21
CA ALA C 36 -3.01 34.46 18.46
C ALA C 36 -3.89 35.70 18.51
N GLN C 37 -3.85 36.49 17.43
CA GLN C 37 -4.69 37.71 17.33
C GLN C 37 -6.16 37.37 17.65
N ASN C 38 -6.73 36.31 17.08
CA ASN C 38 -8.18 35.97 17.23
C ASN C 38 -8.48 35.60 18.69
N ILE C 39 -7.57 34.87 19.32
CA ILE C 39 -7.78 34.42 20.71
C ILE C 39 -7.73 35.66 21.62
N ALA C 40 -6.69 36.47 21.46
CA ALA C 40 -6.51 37.71 22.23
C ALA C 40 -7.76 38.56 22.14
N LYS C 41 -8.27 38.80 20.93
CA LYS C 41 -9.50 39.62 20.75
C LYS C 41 -10.58 39.04 21.66
N LEU C 42 -10.90 37.73 21.58
CA LEU C 42 -11.94 37.12 22.45
C LEU C 42 -11.63 37.31 23.94
N ARG C 43 -10.36 37.22 24.34
CA ARG C 43 -9.97 37.35 25.77
C ARG C 43 -9.91 38.82 26.23
N GLY C 44 -9.92 39.80 25.31
CA GLY C 44 -9.80 41.23 25.63
C GLY C 44 -8.37 41.56 25.98
N TRP C 45 -7.41 40.79 25.46
CA TRP C 45 -5.97 41.12 25.61
C TRP C 45 -5.53 42.06 24.48
N ALA C 46 -5.39 43.35 24.78
CA ALA C 46 -5.07 44.40 23.79
C ALA C 46 -3.75 44.06 23.11
N PRO C 47 -3.64 44.40 21.80
CA PRO C 47 -2.35 44.35 21.12
C PRO C 47 -1.27 45.22 21.81
N GLY C 48 -0.01 44.75 21.86
CA GLY C 48 1.06 45.40 22.67
C GLY C 48 1.03 45.03 24.17
N SER C 49 -0.03 44.35 24.67
CA SER C 49 -0.13 43.93 26.09
C SER C 49 0.87 42.79 26.30
N PRO C 50 1.44 42.60 27.52
CA PRO C 50 2.31 41.43 27.76
C PRO C 50 1.62 40.09 27.50
N ALA C 51 0.34 39.96 27.83
CA ALA C 51 -0.37 38.68 27.65
C ALA C 51 -0.52 38.41 26.14
N TYR C 52 -0.90 39.42 25.39
CA TYR C 52 -1.04 39.30 23.91
C TYR C 52 0.29 38.85 23.32
N ASP C 53 1.39 39.47 23.75
CA ASP C 53 2.70 39.31 23.05
C ASP C 53 3.30 37.98 23.47
N ILE C 54 2.91 37.39 24.60
CA ILE C 54 3.41 36.03 24.94
C ILE C 54 2.61 34.96 24.18
N LEU C 55 1.31 35.16 23.97
CA LEU C 55 0.48 34.26 23.14
C LEU C 55 1.01 34.29 21.67
N GLN C 56 1.44 35.46 21.17
CA GLN C 56 2.04 35.61 19.82
C GLN C 56 3.31 34.74 19.80
N GLU C 57 4.12 34.84 20.85
CA GLU C 57 5.39 34.08 20.92
C GLU C 57 5.11 32.58 21.05
N SER C 58 4.08 32.15 21.77
CA SER C 58 3.69 30.71 21.88
C SER C 58 3.20 30.13 20.54
N MET C 59 2.38 30.89 19.80
CA MET C 59 1.87 30.44 18.47
C MET C 59 3.05 30.34 17.48
N ILE C 60 3.99 31.28 17.49
CA ILE C 60 5.13 31.26 16.55
C ILE C 60 6.03 30.07 16.87
N ALA C 61 6.12 29.68 18.14
CA ALA C 61 6.96 28.54 18.60
C ALA C 61 6.33 27.26 18.03
N ILE C 62 5.02 27.22 17.91
CA ILE C 62 4.35 26.06 17.26
C ILE C 62 4.72 26.06 15.79
N TRP C 63 4.56 27.20 15.11
CA TRP C 63 4.90 27.31 13.68
C TRP C 63 6.31 26.78 13.50
N LEU C 64 7.26 27.32 14.27
CA LEU C 64 8.69 27.00 14.07
C LEU C 64 8.94 25.51 14.21
N GLY C 65 8.33 24.85 15.18
CA GLY C 65 8.50 23.40 15.38
C GLY C 65 7.92 22.65 14.20
N LEU C 66 6.75 23.07 13.74
CA LEU C 66 6.04 22.43 12.61
C LEU C 66 6.87 22.52 11.33
N GLN C 67 7.41 23.72 11.10
CA GLN C 67 8.22 24.02 9.88
C GLN C 67 9.44 23.11 9.93
N LYS C 68 10.04 22.98 11.12
CA LYS C 68 11.28 22.20 11.33
C LYS C 68 10.96 20.75 11.03
N GLN C 69 9.77 20.25 11.36
CA GLN C 69 9.43 18.83 11.14
C GLN C 69 8.96 18.60 9.68
N ALA C 70 8.17 19.50 9.09
CA ALA C 70 7.31 19.14 7.93
C ALA C 70 7.78 19.78 6.60
N ASP C 71 8.47 20.93 6.63
CA ASP C 71 8.75 21.73 5.41
C ASP C 71 9.88 21.08 4.62
N ALA C 72 9.61 20.00 3.89
CA ALA C 72 10.63 19.13 3.27
C ALA C 72 11.32 19.89 2.14
N ASP C 73 10.62 20.84 1.50
CA ASP C 73 11.16 21.50 0.29
C ASP C 73 11.80 22.84 0.71
N GLY C 74 11.69 23.22 1.98
CA GLY C 74 12.40 24.34 2.60
C GLY C 74 11.86 25.69 2.14
N ASP C 75 10.60 25.78 1.72
CA ASP C 75 10.12 27.04 1.11
C ASP C 75 9.46 27.89 2.20
N GLY C 76 9.44 27.45 3.47
CA GLY C 76 8.91 28.25 4.58
C GLY C 76 7.39 28.19 4.67
N LYS C 77 6.75 27.26 3.93
CA LYS C 77 5.29 26.97 4.05
C LYS C 77 5.11 25.45 4.17
N VAL C 78 4.00 25.06 4.77
CA VAL C 78 3.68 23.63 5.04
C VAL C 78 2.37 23.29 4.36
N THR C 79 2.43 22.50 3.29
CA THR C 79 1.24 22.04 2.55
C THR C 79 0.54 20.94 3.36
N GLN C 80 -0.71 20.65 3.07
CA GLN C 80 -1.40 19.43 3.58
C GLN C 80 -0.58 18.16 3.35
N ASP C 81 -0.05 18.00 2.14
CA ASP C 81 0.71 16.78 1.79
C ASP C 81 1.96 16.67 2.65
N GLU C 82 2.69 17.77 2.89
CA GLU C 82 3.87 17.75 3.80
C GLU C 82 3.42 17.36 5.23
N TRP C 83 2.25 17.84 5.69
CA TRP C 83 1.74 17.51 7.05
C TRP C 83 1.46 15.98 7.10
N LEU C 84 0.79 15.43 6.10
CA LEU C 84 0.48 13.98 6.10
C LEU C 84 1.75 13.15 5.95
N ALA C 85 2.76 13.66 5.24
CA ALA C 85 4.05 12.98 4.96
C ALA C 85 4.81 12.81 6.27
N LEU C 86 4.52 13.69 7.23
CA LEU C 86 5.14 13.64 8.58
C LEU C 86 4.65 12.37 9.27
N TRP C 87 3.40 12.01 9.05
CA TRP C 87 2.76 10.88 9.75
C TRP C 87 2.96 9.54 9.05
N ASP C 88 3.44 9.50 7.79
CA ASP C 88 3.89 8.28 7.07
C ASP C 88 5.33 7.96 7.48
N GLU C 89 6.17 9.01 7.61
CA GLU C 89 7.49 9.06 8.31
C GLU C 89 8.37 10.12 7.64
N ALA C 95 10.45 8.96 15.50
CA ALA C 95 11.03 9.29 16.82
C ALA C 95 10.87 10.79 17.06
N ALA C 96 11.64 11.60 16.32
CA ALA C 96 11.74 13.08 16.45
C ALA C 96 10.38 13.76 16.19
N ALA C 97 9.47 13.11 15.45
CA ALA C 97 8.06 13.58 15.29
C ALA C 97 7.29 13.37 16.61
N LYS C 98 7.56 12.29 17.37
CA LYS C 98 6.92 12.01 18.68
C LYS C 98 7.42 13.00 19.76
N ASP C 99 8.71 13.37 19.75
CA ASP C 99 9.18 14.50 20.60
C ASP C 99 8.40 15.77 20.27
N TRP C 100 8.37 16.13 18.99
CA TRP C 100 7.70 17.35 18.51
C TRP C 100 6.21 17.26 18.80
N GLN C 101 5.62 16.07 18.71
CA GLN C 101 4.18 15.87 19.00
C GLN C 101 3.87 16.15 20.49
N ASN C 102 4.80 15.90 21.40
CA ASN C 102 4.63 16.18 22.86
C ASN C 102 4.81 17.66 23.15
N LEU C 103 5.75 18.31 22.45
CA LEU C 103 5.91 19.78 22.56
C LEU C 103 4.60 20.40 22.09
N LEU C 104 4.04 19.93 20.97
CA LEU C 104 2.77 20.46 20.43
C LEU C 104 1.63 20.24 21.44
N CYS C 105 1.56 19.05 22.07
CA CYS C 105 0.50 18.72 23.07
C CYS C 105 0.50 19.79 24.18
N LYS C 106 1.66 20.05 24.70
CA LYS C 106 1.97 20.98 25.81
C LYS C 106 1.66 22.42 25.37
N SER C 107 1.96 22.79 24.12
CA SER C 107 1.75 24.17 23.57
C SER C 107 0.26 24.41 23.47
N ILE C 108 -0.46 23.42 22.93
CA ILE C 108 -1.94 23.54 22.75
C ILE C 108 -2.60 23.65 24.13
N PHE C 109 -2.13 22.88 25.10
CA PHE C 109 -2.76 22.92 26.44
C PHE C 109 -2.49 24.30 27.08
N GLN C 110 -1.21 24.70 27.09
N GLN C 110 -1.23 24.73 27.06
CA GLN C 110 -0.70 26.00 27.60
CA GLN C 110 -0.79 26.01 27.69
C GLN C 110 -1.61 27.14 27.10
C GLN C 110 -1.59 27.19 27.11
N ILE C 111 -1.74 27.23 25.78
CA ILE C 111 -2.59 28.25 25.12
C ILE C 111 -4.04 28.18 25.64
N GLN C 112 -4.62 27.00 25.84
CA GLN C 112 -6.06 26.91 26.24
C GLN C 112 -6.17 27.33 27.71
N ASP C 113 -5.22 26.90 28.52
CA ASP C 113 -5.23 27.18 29.98
C ASP C 113 -4.75 28.61 30.28
N SER C 114 -5.65 29.58 30.07
CA SER C 114 -5.38 31.02 30.33
C SER C 114 -5.37 31.34 31.83
N SER C 115 -5.95 30.50 32.70
CA SER C 115 -5.89 30.71 34.18
C SER C 115 -4.60 30.08 34.74
N ASN C 116 -3.84 29.30 34.00
CA ASN C 116 -2.57 28.69 34.47
C ASN C 116 -2.78 27.70 35.64
N ASP C 117 -4.00 27.19 35.84
CA ASP C 117 -4.31 26.40 37.06
C ASP C 117 -3.96 24.92 36.78
N GLY C 118 -3.44 24.62 35.58
CA GLY C 118 -3.06 23.25 35.17
C GLY C 118 -4.28 22.42 34.77
N SER C 119 -5.41 23.05 34.46
CA SER C 119 -6.56 22.31 33.89
C SER C 119 -7.31 23.20 32.90
N VAL C 120 -7.96 22.61 31.89
CA VAL C 120 -8.73 23.38 30.86
C VAL C 120 -10.23 23.20 31.18
N ASP C 121 -10.90 24.28 31.58
CA ASP C 121 -12.35 24.27 31.84
C ASP C 121 -13.14 24.50 30.54
N VAL C 122 -14.48 24.43 30.61
CA VAL C 122 -15.34 24.46 29.39
C VAL C 122 -15.16 25.82 28.70
N ASN C 123 -15.12 26.90 29.49
N ASN C 123 -15.11 26.92 29.47
CA ASN C 123 -14.99 28.29 28.98
CA ASN C 123 -15.03 28.30 28.91
C ASN C 123 -13.68 28.43 28.19
C ASN C 123 -13.68 28.47 28.19
N GLU C 124 -12.57 27.95 28.74
CA GLU C 124 -11.22 28.04 28.13
C GLU C 124 -11.21 27.28 26.81
N TYR C 125 -11.88 26.11 26.78
CA TYR C 125 -11.92 25.19 25.64
C TYR C 125 -12.78 25.83 24.53
N VAL C 126 -13.97 26.29 24.88
CA VAL C 126 -14.95 26.76 23.89
C VAL C 126 -14.45 28.09 23.32
N THR C 127 -13.81 28.95 24.14
CA THR C 127 -13.32 30.28 23.72
C THR C 127 -12.29 30.08 22.62
N VAL C 128 -11.31 29.22 22.82
CA VAL C 128 -10.31 28.91 21.78
C VAL C 128 -11.04 28.35 20.54
N HIS C 129 -12.05 27.50 20.70
CA HIS C 129 -12.71 26.88 19.52
C HIS C 129 -13.45 27.96 18.72
N GLU C 130 -14.16 28.85 19.40
CA GLU C 130 -14.86 29.97 18.75
C GLU C 130 -13.83 30.77 17.96
N SER C 131 -12.62 30.95 18.50
CA SER C 131 -11.58 31.79 17.88
C SER C 131 -11.20 31.18 16.53
N PHE C 132 -11.29 29.87 16.36
CA PHE C 132 -10.91 29.14 15.14
C PHE C 132 -12.10 28.98 14.21
N GLY C 133 -13.27 29.47 14.59
CA GLY C 133 -14.44 29.49 13.71
C GLY C 133 -15.44 28.38 14.01
N LEU C 134 -15.20 27.53 15.02
CA LEU C 134 -16.14 26.44 15.37
C LEU C 134 -17.33 27.01 16.13
N ASN C 135 -18.42 26.28 16.09
CA ASN C 135 -19.69 26.64 16.73
C ASN C 135 -19.57 26.37 18.24
N LYS C 136 -19.99 27.34 19.03
CA LYS C 136 -19.94 27.27 20.52
C LYS C 136 -20.67 26.03 21.05
N GLU C 137 -21.91 25.77 20.61
CA GLU C 137 -22.76 24.67 21.14
C GLU C 137 -22.12 23.32 20.82
N GLU C 138 -21.65 23.15 19.58
CA GLU C 138 -20.99 21.90 19.12
C GLU C 138 -19.71 21.70 19.93
N SER C 139 -18.99 22.77 20.27
CA SER C 139 -17.72 22.61 21.01
C SER C 139 -18.05 22.25 22.48
N THR C 140 -19.09 22.83 23.06
CA THR C 140 -19.59 22.48 24.41
C THR C 140 -19.96 20.97 24.43
N GLU C 141 -20.63 20.47 23.38
CA GLU C 141 -20.94 19.02 23.24
C GLU C 141 -19.65 18.19 23.22
N ALA C 142 -18.64 18.65 22.48
CA ALA C 142 -17.38 17.89 22.33
C ALA C 142 -16.62 17.81 23.67
N PHE C 143 -16.60 18.91 24.44
CA PHE C 143 -15.96 19.03 25.77
C PHE C 143 -16.61 17.95 26.69
N LYS C 144 -17.93 17.89 26.71
CA LYS C 144 -18.67 16.92 27.55
C LYS C 144 -18.27 15.50 27.17
N LYS C 145 -17.92 15.22 25.91
CA LYS C 145 -17.45 13.85 25.55
C LYS C 145 -16.04 13.59 26.10
N LEU C 146 -15.23 14.63 26.30
CA LEU C 146 -13.83 14.50 26.81
C LEU C 146 -13.80 14.35 28.33
N ALA C 147 -14.70 15.00 29.05
CA ALA C 147 -14.43 15.56 30.39
C ALA C 147 -14.92 14.61 31.50
N LYS C 148 -15.61 13.52 31.14
CA LYS C 148 -16.19 12.54 32.11
C LYS C 148 -16.91 13.25 33.25
N GLY C 149 -17.72 14.28 32.91
CA GLY C 149 -18.60 15.01 33.85
C GLY C 149 -17.89 16.10 34.62
N LYS C 150 -16.55 16.18 34.51
CA LYS C 150 -15.80 17.23 35.26
C LYS C 150 -15.97 18.55 34.53
N ASP C 151 -15.92 19.64 35.30
CA ASP C 151 -15.98 21.04 34.81
C ASP C 151 -14.60 21.38 34.18
N SER C 152 -13.51 20.61 34.39
CA SER C 152 -12.22 20.85 33.68
C SER C 152 -11.46 19.55 33.37
N ILE C 153 -10.51 19.63 32.44
CA ILE C 153 -9.67 18.49 31.97
C ILE C 153 -8.26 18.74 32.49
N SER C 154 -7.73 17.82 33.25
CA SER C 154 -6.37 17.94 33.84
C SER C 154 -5.35 17.77 32.69
N TRP C 155 -4.12 18.26 32.91
CA TRP C 155 -2.96 17.92 32.06
C TRP C 155 -2.84 16.40 31.85
N ALA C 156 -2.95 15.59 32.92
CA ALA C 156 -2.77 14.11 32.84
C ALA C 156 -3.73 13.63 31.67
N ASP C 157 -5.00 14.02 31.81
CA ASP C 157 -6.15 13.35 31.08
C ASP C 157 -6.03 13.92 29.69
N PHE C 158 -5.62 15.18 29.59
CA PHE C 158 -5.48 15.81 28.26
C PHE C 158 -4.41 15.05 27.46
N GLN C 159 -3.31 14.62 28.10
CA GLN C 159 -2.22 13.92 27.38
C GLN C 159 -2.75 12.58 26.84
N GLU C 160 -3.65 11.93 27.56
CA GLU C 160 -4.17 10.60 27.15
C GLU C 160 -5.13 10.85 25.95
N LEU C 161 -5.99 11.87 26.08
CA LEU C 161 -6.98 12.22 25.03
C LEU C 161 -6.23 12.64 23.76
N TRP C 162 -5.08 13.30 23.92
CA TRP C 162 -4.20 13.68 22.78
C TRP C 162 -3.66 12.44 22.04
N LYS C 163 -3.07 11.48 22.76
CA LYS C 163 -2.55 10.23 22.16
C LYS C 163 -3.65 9.50 21.39
N GLU C 164 -4.87 9.41 21.93
CA GLU C 164 -6.01 8.83 21.18
C GLU C 164 -6.24 9.63 19.88
N TYR C 165 -6.24 10.97 19.94
CA TYR C 165 -6.65 11.78 18.77
C TYR C 165 -5.73 11.41 17.61
N PHE C 166 -4.43 11.34 17.90
CA PHE C 166 -3.35 11.24 16.89
C PHE C 166 -3.02 9.80 16.53
N SER C 167 -3.26 8.82 17.41
CA SER C 167 -2.72 7.43 17.25
C SER C 167 -3.83 6.40 17.06
N SER C 168 -5.06 6.63 17.53
CA SER C 168 -6.16 5.64 17.48
C SER C 168 -6.82 5.62 16.09
N ASP C 169 -7.04 4.40 15.58
CA ASP C 169 -7.77 4.17 14.32
C ASP C 169 -9.23 3.87 14.68
N ASP C 170 -9.55 3.83 15.97
CA ASP C 170 -10.92 3.56 16.44
C ASP C 170 -11.63 4.89 16.27
N PRO C 171 -12.79 4.92 15.55
CA PRO C 171 -13.52 6.17 15.33
C PRO C 171 -14.32 6.66 16.55
N ASP C 172 -14.41 5.84 17.61
CA ASP C 172 -15.41 6.01 18.69
C ASP C 172 -14.77 6.43 20.04
N VAL C 173 -13.45 6.60 20.13
CA VAL C 173 -12.78 6.87 21.46
C VAL C 173 -12.93 8.35 21.80
N PRO C 174 -12.99 8.72 23.09
CA PRO C 174 -13.27 10.13 23.49
C PRO C 174 -12.26 11.18 22.98
N GLY C 175 -10.97 10.82 22.94
CA GLY C 175 -9.94 11.74 22.44
C GLY C 175 -10.22 12.22 21.03
N ASN C 176 -11.03 11.51 20.24
CA ASN C 176 -11.34 11.93 18.84
C ASN C 176 -11.96 13.33 18.84
N TYR C 177 -12.44 13.79 19.98
CA TYR C 177 -13.12 15.10 20.06
C TYR C 177 -12.22 16.21 20.62
N ILE C 178 -10.92 16.02 20.87
CA ILE C 178 -10.16 17.11 21.57
C ILE C 178 -10.22 18.40 20.72
N PHE C 179 -10.33 18.27 19.39
CA PHE C 179 -10.36 19.42 18.46
C PHE C 179 -11.76 19.74 17.97
N GLY C 180 -12.80 19.50 18.76
CA GLY C 180 -14.20 19.80 18.42
C GLY C 180 -14.82 18.77 17.46
N ARG C 181 -15.93 19.17 16.83
CA ARG C 181 -16.67 18.36 15.85
C ARG C 181 -15.87 18.28 14.56
N LEU C 182 -15.76 17.09 13.96
CA LEU C 182 -15.09 16.85 12.65
C LEU C 182 -16.09 17.05 11.50
N THR C 183 -17.23 16.33 11.54
CA THR C 183 -18.37 16.40 10.55
C THR C 183 -18.48 17.86 10.05
N CYS C 184 -18.75 18.09 8.75
CA CYS C 184 -18.48 19.38 8.03
C CYS C 184 -19.56 20.43 8.26
N MET D 2 -3.80 23.32 -10.63
CA MET D 2 -4.41 22.12 -9.96
C MET D 2 -5.79 22.49 -9.39
N VAL D 3 -6.35 21.61 -8.56
CA VAL D 3 -7.70 21.67 -7.94
C VAL D 3 -7.56 22.07 -6.47
N SER D 4 -8.54 22.79 -5.91
CA SER D 4 -8.54 23.23 -4.49
C SER D 4 -8.42 22.02 -3.55
N GLU D 5 -7.94 22.24 -2.32
CA GLU D 5 -7.88 21.19 -1.27
C GLU D 5 -9.32 20.69 -1.01
N VAL D 6 -10.32 21.59 -1.06
CA VAL D 6 -11.77 21.26 -0.89
C VAL D 6 -12.17 20.23 -1.96
N ARG D 7 -11.82 20.46 -3.22
CA ARG D 7 -12.18 19.50 -4.28
C ARG D 7 -11.39 18.22 -4.10
N LYS D 8 -10.11 18.31 -3.78
CA LYS D 8 -9.27 17.11 -3.68
C LYS D 8 -9.88 16.19 -2.60
N LYS D 9 -10.37 16.78 -1.50
CA LYS D 9 -10.98 15.99 -0.39
C LYS D 9 -12.16 15.21 -0.96
N LYS D 10 -13.08 15.90 -1.67
CA LYS D 10 -14.27 15.26 -2.28
C LYS D 10 -13.87 14.24 -3.33
N LEU D 11 -12.85 14.52 -4.14
CA LEU D 11 -12.35 13.53 -5.12
C LEU D 11 -11.78 12.29 -4.40
N LEU D 12 -11.02 12.45 -3.31
CA LEU D 12 -10.42 11.24 -2.69
C LEU D 12 -11.51 10.50 -1.90
N HIS D 13 -12.57 11.19 -1.51
CA HIS D 13 -13.70 10.58 -0.78
C HIS D 13 -14.40 9.56 -1.67
N VAL D 14 -14.78 9.97 -2.88
N VAL D 14 -14.74 9.97 -2.90
CA VAL D 14 -15.40 9.08 -3.90
CA VAL D 14 -15.41 9.09 -3.90
C VAL D 14 -14.44 7.91 -4.13
C VAL D 14 -14.45 7.93 -4.21
N PHE D 15 -13.18 8.21 -4.45
CA PHE D 15 -12.13 7.18 -4.71
C PHE D 15 -12.13 6.07 -3.62
N THR D 16 -11.95 6.47 -2.36
N THR D 16 -11.93 6.48 -2.35
CA THR D 16 -11.70 5.55 -1.22
CA THR D 16 -11.68 5.57 -1.19
C THR D 16 -13.00 4.82 -0.82
C THR D 16 -12.98 4.85 -0.77
N VAL D 17 -14.13 5.54 -0.77
CA VAL D 17 -15.44 4.96 -0.28
C VAL D 17 -16.19 4.22 -1.37
N PHE D 18 -16.33 4.80 -2.58
CA PHE D 18 -17.22 4.31 -3.66
C PHE D 18 -16.45 3.53 -4.72
N PHE D 19 -15.23 3.91 -5.04
CA PHE D 19 -14.48 3.13 -6.04
C PHE D 19 -13.76 1.96 -5.36
N ASP D 20 -13.03 2.17 -4.26
CA ASP D 20 -12.04 1.20 -3.70
C ASP D 20 -12.75 0.26 -2.72
N SER D 21 -13.68 -0.55 -3.21
CA SER D 21 -14.52 -1.45 -2.35
C SER D 21 -13.68 -2.45 -1.52
N ASP D 22 -12.50 -2.92 -1.96
CA ASP D 22 -11.65 -3.86 -1.19
C ASP D 22 -10.56 -3.15 -0.37
N LYS D 23 -10.58 -1.81 -0.33
CA LYS D 23 -9.65 -1.00 0.52
C LYS D 23 -8.19 -1.41 0.30
N SER D 24 -7.83 -1.83 -0.91
CA SER D 24 -6.42 -2.05 -1.32
C SER D 24 -5.73 -0.69 -1.54
N GLY D 25 -6.49 0.41 -1.67
CA GLY D 25 -5.98 1.76 -2.03
C GLY D 25 -5.76 1.98 -3.53
N VAL D 26 -6.03 0.97 -4.35
CA VAL D 26 -5.91 1.01 -5.83
C VAL D 26 -7.23 0.46 -6.36
N VAL D 27 -7.84 1.12 -7.33
CA VAL D 27 -9.15 0.76 -7.94
C VAL D 27 -8.91 -0.14 -9.15
N GLU D 28 -9.56 -1.32 -9.13
CA GLU D 28 -9.48 -2.37 -10.15
C GLU D 28 -10.89 -2.82 -10.50
N LYS D 29 -11.02 -3.60 -11.57
CA LYS D 29 -12.32 -4.18 -11.96
C LYS D 29 -12.94 -4.93 -10.75
N GLN D 30 -12.15 -5.69 -9.99
N GLN D 30 -12.14 -5.68 -9.98
CA GLN D 30 -12.72 -6.57 -8.92
CA GLN D 30 -12.68 -6.56 -8.91
C GLN D 30 -13.40 -5.68 -7.87
C GLN D 30 -13.32 -5.71 -7.82
N ASP D 31 -13.01 -4.42 -7.75
CA ASP D 31 -13.59 -3.47 -6.79
C ASP D 31 -15.08 -3.31 -7.06
N PHE D 32 -15.43 -3.14 -8.34
CA PHE D 32 -16.81 -2.84 -8.78
C PHE D 32 -17.63 -4.13 -8.82
N GLU D 33 -17.01 -5.25 -9.16
CA GLU D 33 -17.72 -6.56 -9.04
C GLU D 33 -18.06 -6.76 -7.58
N LEU D 34 -17.14 -6.42 -6.64
CA LEU D 34 -17.37 -6.53 -5.17
C LEU D 34 -18.51 -5.56 -4.78
N ALA D 35 -18.52 -4.35 -5.35
CA ALA D 35 -19.51 -3.33 -5.00
C ALA D 35 -20.90 -3.83 -5.37
N ALA D 36 -21.05 -4.49 -6.52
CA ALA D 36 -22.33 -5.07 -6.94
C ALA D 36 -22.72 -6.16 -5.92
N GLN D 37 -21.78 -7.01 -5.60
CA GLN D 37 -22.01 -8.16 -4.68
C GLN D 37 -22.53 -7.55 -3.37
N ASN D 38 -21.99 -6.43 -2.92
CA ASN D 38 -22.33 -5.88 -1.56
C ASN D 38 -23.75 -5.30 -1.54
N ILE D 39 -24.16 -4.65 -2.61
CA ILE D 39 -25.54 -4.12 -2.79
C ILE D 39 -26.55 -5.27 -2.92
N ALA D 40 -26.28 -6.22 -3.84
CA ALA D 40 -27.09 -7.43 -4.07
C ALA D 40 -27.35 -8.13 -2.70
N LYS D 41 -26.30 -8.38 -1.92
CA LYS D 41 -26.34 -9.03 -0.58
C LYS D 41 -27.39 -8.35 0.33
N LEU D 42 -27.37 -7.02 0.41
CA LEU D 42 -28.35 -6.21 1.18
C LEU D 42 -29.74 -6.17 0.54
N ARG D 43 -29.88 -6.42 -0.76
CA ARG D 43 -31.22 -6.42 -1.41
C ARG D 43 -31.76 -7.85 -1.44
N GLY D 44 -30.93 -8.86 -1.14
CA GLY D 44 -31.35 -10.27 -1.17
C GLY D 44 -31.37 -10.80 -2.60
N TRP D 45 -30.63 -10.18 -3.50
CA TRP D 45 -30.49 -10.65 -4.89
C TRP D 45 -29.40 -11.73 -4.93
N ALA D 46 -29.76 -13.00 -5.06
CA ALA D 46 -28.84 -14.14 -5.17
C ALA D 46 -27.86 -13.97 -6.33
N PRO D 47 -26.58 -14.39 -6.18
CA PRO D 47 -25.65 -14.50 -7.30
C PRO D 47 -26.24 -15.38 -8.41
N GLY D 48 -26.08 -14.93 -9.67
CA GLY D 48 -26.64 -15.53 -10.88
C GLY D 48 -28.13 -15.28 -11.06
N SER D 49 -28.80 -14.51 -10.19
CA SER D 49 -30.19 -14.04 -10.40
C SER D 49 -30.14 -12.94 -11.46
N PRO D 50 -31.18 -12.73 -12.31
CA PRO D 50 -31.18 -11.64 -13.29
C PRO D 50 -30.87 -10.26 -12.68
N ALA D 51 -31.46 -9.93 -11.53
CA ALA D 51 -31.28 -8.65 -10.84
C ALA D 51 -29.80 -8.48 -10.52
N TYR D 52 -29.17 -9.53 -10.00
CA TYR D 52 -27.76 -9.49 -9.52
C TYR D 52 -26.83 -9.28 -10.72
N ASP D 53 -27.12 -10.03 -11.78
CA ASP D 53 -26.31 -10.02 -13.02
C ASP D 53 -26.39 -8.65 -13.66
N ILE D 54 -27.53 -7.96 -13.67
CA ILE D 54 -27.52 -6.64 -14.38
C ILE D 54 -26.85 -5.61 -13.49
N LEU D 55 -26.81 -5.88 -12.19
CA LEU D 55 -26.06 -4.99 -11.28
C LEU D 55 -24.55 -5.14 -11.53
N GLN D 56 -24.00 -6.37 -11.64
CA GLN D 56 -22.58 -6.60 -12.02
C GLN D 56 -22.28 -5.80 -13.29
N GLU D 57 -23.14 -5.89 -14.31
CA GLU D 57 -22.88 -5.24 -15.62
C GLU D 57 -22.92 -3.70 -15.48
N SER D 58 -23.84 -3.19 -14.68
CA SER D 58 -23.92 -1.72 -14.48
C SER D 58 -22.66 -1.26 -13.76
N MET D 59 -22.19 -2.02 -12.78
CA MET D 59 -20.99 -1.64 -12.01
C MET D 59 -19.74 -1.74 -12.91
N ILE D 60 -19.64 -2.80 -13.71
N ILE D 60 -19.63 -2.80 -13.71
CA ILE D 60 -18.49 -3.05 -14.64
CA ILE D 60 -18.48 -3.02 -14.63
C ILE D 60 -18.48 -1.93 -15.71
C ILE D 60 -18.48 -1.92 -15.70
N ALA D 61 -19.64 -1.47 -16.17
CA ALA D 61 -19.71 -0.37 -17.17
C ALA D 61 -19.14 0.90 -16.52
N ILE D 62 -19.43 1.18 -15.24
CA ILE D 62 -18.85 2.32 -14.46
C ILE D 62 -17.32 2.20 -14.40
N TRP D 63 -16.82 1.01 -14.06
CA TRP D 63 -15.37 0.68 -14.00
C TRP D 63 -14.75 0.99 -15.36
N LEU D 64 -15.30 0.45 -16.42
CA LEU D 64 -14.65 0.58 -17.75
C LEU D 64 -14.56 2.06 -18.17
N GLY D 65 -15.56 2.89 -17.87
CA GLY D 65 -15.53 4.36 -18.10
C GLY D 65 -14.38 5.01 -17.33
N LEU D 66 -14.27 4.67 -16.04
CA LEU D 66 -13.21 5.11 -15.12
C LEU D 66 -11.86 4.65 -15.68
N GLN D 67 -11.71 3.35 -16.00
CA GLN D 67 -10.42 2.78 -16.49
C GLN D 67 -9.99 3.57 -17.73
N LYS D 68 -10.89 3.74 -18.69
CA LYS D 68 -10.55 4.43 -19.94
C LYS D 68 -10.07 5.85 -19.59
N GLN D 69 -10.75 6.57 -18.68
CA GLN D 69 -10.43 7.99 -18.37
C GLN D 69 -9.08 8.08 -17.64
N ALA D 70 -8.83 7.23 -16.62
CA ALA D 70 -7.89 7.50 -15.51
C ALA D 70 -6.65 6.59 -15.56
N ASP D 71 -6.72 5.35 -16.07
CA ASP D 71 -5.57 4.44 -16.05
C ASP D 71 -4.54 4.91 -17.10
N ALA D 72 -3.68 5.90 -16.77
CA ALA D 72 -2.71 6.46 -17.73
C ALA D 72 -1.62 5.44 -18.09
N ASP D 73 -1.20 4.54 -17.21
CA ASP D 73 -0.01 3.69 -17.53
C ASP D 73 -0.46 2.32 -18.08
N GLY D 74 -1.78 2.08 -18.22
CA GLY D 74 -2.35 0.89 -18.88
C GLY D 74 -2.00 -0.40 -18.14
N ASP D 75 -2.05 -0.40 -16.81
CA ASP D 75 -1.88 -1.66 -16.02
C ASP D 75 -3.27 -2.16 -15.63
N GLY D 76 -4.32 -1.44 -16.01
CA GLY D 76 -5.72 -1.78 -15.69
C GLY D 76 -6.03 -1.56 -14.23
N LYS D 77 -5.30 -0.66 -13.58
CA LYS D 77 -5.47 -0.27 -12.16
C LYS D 77 -5.47 1.25 -12.10
N VAL D 78 -6.38 1.83 -11.32
CA VAL D 78 -6.39 3.32 -11.13
C VAL D 78 -5.90 3.64 -9.73
N THR D 79 -4.70 4.23 -9.66
CA THR D 79 -4.13 4.76 -8.39
C THR D 79 -4.83 6.10 -8.04
N GLN D 80 -4.71 6.55 -6.76
CA GLN D 80 -5.13 7.91 -6.33
C GLN D 80 -4.45 8.98 -7.20
N ASP D 81 -3.15 8.86 -7.43
CA ASP D 81 -2.38 9.85 -8.24
C ASP D 81 -3.02 9.96 -9.64
N GLU D 82 -3.48 8.83 -10.21
CA GLU D 82 -4.01 8.78 -11.60
C GLU D 82 -5.37 9.49 -11.60
N TRP D 83 -6.14 9.24 -10.54
CA TRP D 83 -7.50 9.84 -10.34
C TRP D 83 -7.35 11.35 -10.18
N LEU D 84 -6.41 11.80 -9.36
CA LEU D 84 -6.18 13.26 -9.19
C LEU D 84 -5.62 13.88 -10.50
N ALA D 85 -4.72 13.20 -11.21
CA ALA D 85 -4.14 13.68 -12.50
C ALA D 85 -5.25 13.89 -13.54
N LEU D 86 -6.23 12.99 -13.56
CA LEU D 86 -7.40 13.13 -14.47
C LEU D 86 -8.03 14.50 -14.24
N TRP D 87 -8.29 14.83 -12.97
CA TRP D 87 -9.01 16.08 -12.62
C TRP D 87 -8.14 17.31 -12.79
N ASP D 88 -6.79 17.18 -12.83
CA ASP D 88 -5.92 18.27 -13.34
C ASP D 88 -6.16 18.47 -14.84
N GLU D 89 -6.27 17.40 -15.64
CA GLU D 89 -6.54 17.49 -17.11
C GLU D 89 -7.89 18.18 -17.30
N TYR D 90 -8.91 17.82 -16.52
CA TYR D 90 -10.27 18.44 -16.53
C TYR D 90 -10.18 19.92 -16.11
N ALA D 91 -9.27 20.26 -15.21
CA ALA D 91 -9.14 21.67 -14.74
C ALA D 91 -8.73 22.55 -15.94
N LYS D 92 -7.68 22.14 -16.66
CA LYS D 92 -7.23 22.76 -17.94
C LYS D 92 -8.37 22.74 -18.99
N ASP D 93 -9.18 21.69 -19.10
CA ASP D 93 -10.19 21.55 -20.21
C ASP D 93 -11.46 20.87 -19.68
N PRO D 94 -12.42 21.65 -19.10
CA PRO D 94 -13.62 21.07 -18.51
C PRO D 94 -14.54 20.40 -19.52
N ALA D 95 -14.60 20.90 -20.76
CA ALA D 95 -15.46 20.34 -21.82
C ALA D 95 -15.18 18.83 -21.98
N ALA D 96 -13.98 18.35 -21.62
CA ALA D 96 -13.49 16.96 -21.77
C ALA D 96 -14.13 15.98 -20.78
N ALA D 97 -14.64 16.50 -19.66
CA ALA D 97 -15.20 15.71 -18.55
C ALA D 97 -16.69 15.44 -18.83
N LYS D 98 -17.30 16.15 -19.79
CA LYS D 98 -18.76 16.35 -19.84
C LYS D 98 -19.46 14.99 -20.00
N ASP D 99 -19.12 14.24 -21.04
CA ASP D 99 -19.85 13.00 -21.44
C ASP D 99 -19.65 11.90 -20.42
N TRP D 100 -18.40 11.69 -20.00
CA TRP D 100 -18.05 10.70 -18.95
C TRP D 100 -18.72 11.07 -17.62
N GLN D 101 -18.79 12.36 -17.24
CA GLN D 101 -19.42 12.78 -15.96
C GLN D 101 -20.92 12.49 -16.08
N ASN D 102 -21.55 12.83 -17.20
CA ASN D 102 -23.01 12.60 -17.35
C ASN D 102 -23.30 11.09 -17.19
N LEU D 103 -22.42 10.24 -17.72
CA LEU D 103 -22.63 8.78 -17.76
C LEU D 103 -22.48 8.23 -16.34
N LEU D 104 -21.39 8.55 -15.65
CA LEU D 104 -21.19 8.22 -14.23
C LEU D 104 -22.40 8.70 -13.40
N CYS D 105 -22.82 9.95 -13.57
CA CYS D 105 -23.98 10.51 -12.81
C CYS D 105 -25.21 9.64 -13.06
N LYS D 106 -25.56 9.39 -14.33
CA LYS D 106 -26.71 8.53 -14.71
C LYS D 106 -26.63 7.13 -14.10
N SER D 107 -25.46 6.51 -14.08
CA SER D 107 -25.22 5.12 -13.61
C SER D 107 -25.43 5.03 -12.10
N ILE D 108 -24.79 5.94 -11.37
CA ILE D 108 -24.88 5.98 -9.88
C ILE D 108 -26.34 6.16 -9.49
N PHE D 109 -27.10 6.98 -10.23
CA PHE D 109 -28.53 7.24 -9.93
C PHE D 109 -29.32 5.96 -10.20
N GLN D 110 -29.01 5.30 -11.30
CA GLN D 110 -29.81 4.14 -11.74
C GLN D 110 -29.63 3.00 -10.71
N ILE D 111 -28.39 2.81 -10.25
CA ILE D 111 -28.00 1.79 -9.26
C ILE D 111 -28.72 2.05 -7.94
N GLN D 112 -28.92 3.31 -7.54
CA GLN D 112 -29.62 3.66 -6.28
C GLN D 112 -31.12 3.56 -6.47
N ASP D 113 -31.63 3.85 -7.67
CA ASP D 113 -33.08 3.95 -7.93
C ASP D 113 -33.64 2.55 -8.23
N SER D 114 -33.56 1.62 -7.26
CA SER D 114 -33.91 0.20 -7.45
C SER D 114 -35.41 0.05 -7.76
N SER D 115 -36.23 1.07 -7.47
CA SER D 115 -37.70 1.05 -7.73
C SER D 115 -38.01 1.55 -9.16
N ASN D 116 -37.01 2.13 -9.85
CA ASN D 116 -37.11 2.59 -11.27
C ASN D 116 -38.17 3.69 -11.43
N ASP D 117 -38.56 4.35 -10.36
CA ASP D 117 -39.58 5.42 -10.44
C ASP D 117 -38.93 6.76 -10.84
N GLY D 118 -37.60 6.81 -11.03
CA GLY D 118 -36.90 8.05 -11.41
C GLY D 118 -36.71 8.98 -10.21
N SER D 119 -36.77 8.43 -8.99
CA SER D 119 -36.37 9.16 -7.77
C SER D 119 -35.57 8.24 -6.86
N VAL D 120 -34.62 8.83 -6.11
CA VAL D 120 -33.88 8.14 -5.02
C VAL D 120 -34.46 8.61 -3.68
N ASP D 121 -35.01 7.66 -2.90
CA ASP D 121 -35.55 7.91 -1.53
C ASP D 121 -34.48 7.60 -0.48
N VAL D 122 -34.75 8.05 0.74
CA VAL D 122 -33.80 7.90 1.87
C VAL D 122 -33.39 6.42 1.93
N ASN D 123 -34.31 5.47 1.77
CA ASN D 123 -33.98 4.03 1.95
C ASN D 123 -33.09 3.54 0.81
N GLU D 124 -33.35 4.02 -0.41
CA GLU D 124 -32.53 3.59 -1.58
C GLU D 124 -31.09 4.10 -1.41
N TYR D 125 -30.96 5.37 -1.01
CA TYR D 125 -29.65 6.00 -0.67
C TYR D 125 -28.95 5.25 0.49
N VAL D 126 -29.60 5.10 1.64
CA VAL D 126 -28.91 4.56 2.86
C VAL D 126 -28.51 3.07 2.62
N THR D 127 -29.33 2.27 1.93
CA THR D 127 -29.03 0.84 1.63
C THR D 127 -27.76 0.75 0.76
N VAL D 128 -27.65 1.57 -0.29
CA VAL D 128 -26.41 1.62 -1.10
C VAL D 128 -25.22 2.06 -0.24
N HIS D 129 -25.38 3.05 0.63
CA HIS D 129 -24.29 3.57 1.51
C HIS D 129 -23.88 2.51 2.55
N GLU D 130 -24.83 1.79 3.16
CA GLU D 130 -24.53 0.63 4.07
C GLU D 130 -23.64 -0.36 3.28
N SER D 131 -23.94 -0.58 2.00
CA SER D 131 -23.20 -1.54 1.11
C SER D 131 -21.74 -1.08 0.93
N PHE D 132 -21.47 0.23 0.98
CA PHE D 132 -20.10 0.81 0.94
C PHE D 132 -19.50 0.90 2.35
N GLY D 133 -20.18 0.38 3.37
CA GLY D 133 -19.61 0.25 4.71
C GLY D 133 -19.85 1.49 5.56
N LEU D 134 -20.66 2.44 5.07
CA LEU D 134 -20.95 3.73 5.79
C LEU D 134 -22.02 3.48 6.86
N ASN D 135 -22.01 4.31 7.88
CA ASN D 135 -22.91 4.20 9.03
C ASN D 135 -24.31 4.65 8.57
N LYS D 136 -25.36 3.97 9.03
CA LYS D 136 -26.79 4.18 8.64
C LYS D 136 -27.29 5.55 9.12
N GLU D 137 -26.91 5.94 10.34
CA GLU D 137 -27.35 7.21 11.00
C GLU D 137 -26.67 8.40 10.28
N GLU D 138 -25.34 8.28 10.05
CA GLU D 138 -24.51 9.29 9.32
C GLU D 138 -25.05 9.44 7.90
N SER D 139 -25.32 8.34 7.20
CA SER D 139 -25.92 8.37 5.85
C SER D 139 -27.32 9.00 5.88
N THR D 140 -28.15 8.78 6.92
CA THR D 140 -29.53 9.34 6.97
C THR D 140 -29.48 10.87 7.15
N GLU D 141 -28.51 11.36 7.94
CA GLU D 141 -28.19 12.79 8.18
C GLU D 141 -27.80 13.45 6.86
N ALA D 142 -26.86 12.79 6.16
CA ALA D 142 -26.27 13.22 4.88
C ALA D 142 -27.39 13.40 3.84
N PHE D 143 -28.34 12.47 3.82
CA PHE D 143 -29.46 12.50 2.88
C PHE D 143 -30.33 13.71 3.17
N LYS D 144 -30.60 14.00 4.45
CA LYS D 144 -31.51 15.10 4.86
C LYS D 144 -30.95 16.43 4.36
N LYS D 145 -29.62 16.59 4.43
CA LYS D 145 -28.86 17.74 3.88
C LYS D 145 -29.01 17.79 2.36
N LEU D 146 -28.87 16.63 1.67
CA LEU D 146 -29.00 16.55 0.19
C LEU D 146 -30.36 17.08 -0.24
N ALA D 147 -31.41 16.52 0.36
CA ALA D 147 -32.79 16.56 -0.13
C ALA D 147 -33.55 17.72 0.53
N LYS D 148 -32.88 18.54 1.34
CA LYS D 148 -33.53 19.69 2.04
C LYS D 148 -34.75 19.14 2.79
N GLY D 149 -34.58 18.02 3.50
CA GLY D 149 -35.59 17.45 4.42
C GLY D 149 -36.69 16.67 3.70
N LYS D 150 -36.78 16.75 2.37
CA LYS D 150 -37.77 16.01 1.51
C LYS D 150 -37.41 14.52 1.48
N ASP D 151 -38.30 13.67 0.93
CA ASP D 151 -38.24 12.20 1.09
C ASP D 151 -37.44 11.54 -0.04
N SER D 152 -37.43 12.16 -1.22
CA SER D 152 -36.75 11.62 -2.43
C SER D 152 -36.14 12.75 -3.27
N ILE D 153 -35.12 12.41 -4.05
CA ILE D 153 -34.44 13.35 -4.98
C ILE D 153 -34.81 12.95 -6.40
N SER D 154 -35.48 13.86 -7.11
CA SER D 154 -35.73 13.73 -8.57
C SER D 154 -34.41 13.57 -9.33
N TRP D 155 -34.46 12.96 -10.49
CA TRP D 155 -33.28 12.84 -11.37
C TRP D 155 -32.77 14.25 -11.75
N ALA D 156 -33.64 15.19 -12.08
CA ALA D 156 -33.34 16.63 -12.33
C ALA D 156 -32.51 17.21 -11.15
N ASP D 157 -33.04 17.10 -9.93
CA ASP D 157 -32.34 17.58 -8.70
C ASP D 157 -31.00 16.88 -8.52
N PHE D 158 -30.97 15.56 -8.72
CA PHE D 158 -29.74 14.76 -8.55
C PHE D 158 -28.65 15.28 -9.51
N GLN D 159 -29.04 15.63 -10.73
CA GLN D 159 -28.09 16.18 -11.73
C GLN D 159 -27.40 17.44 -11.18
N GLU D 160 -28.16 18.37 -10.62
CA GLU D 160 -27.59 19.65 -10.10
C GLU D 160 -26.68 19.33 -8.91
N LEU D 161 -27.11 18.41 -8.05
CA LEU D 161 -26.38 18.09 -6.78
C LEU D 161 -25.05 17.42 -7.10
N TRP D 162 -25.07 16.50 -8.05
CA TRP D 162 -23.88 15.85 -8.67
C TRP D 162 -22.85 16.88 -9.21
N LYS D 163 -23.23 17.82 -10.07
CA LYS D 163 -22.29 18.87 -10.58
C LYS D 163 -21.70 19.69 -9.41
N GLU D 164 -22.54 20.05 -8.45
CA GLU D 164 -22.07 20.76 -7.24
C GLU D 164 -20.99 19.91 -6.55
N TYR D 165 -21.16 18.58 -6.48
CA TYR D 165 -20.25 17.73 -5.68
C TYR D 165 -18.87 17.82 -6.33
N PHE D 166 -18.86 17.66 -7.66
CA PHE D 166 -17.61 17.58 -8.45
C PHE D 166 -17.02 18.97 -8.75
N SER D 167 -17.78 20.08 -8.75
CA SER D 167 -17.26 21.41 -9.24
C SER D 167 -17.01 22.46 -8.15
N SER D 168 -17.77 22.46 -7.04
CA SER D 168 -17.82 23.56 -6.03
C SER D 168 -16.63 23.48 -5.05
N ASP D 169 -15.97 24.62 -4.83
CA ASP D 169 -14.98 24.83 -3.76
C ASP D 169 -15.68 25.19 -2.45
N ASP D 170 -16.99 25.49 -2.48
CA ASP D 170 -17.75 25.94 -1.29
C ASP D 170 -17.92 24.73 -0.37
N PRO D 171 -17.57 24.85 0.93
CA PRO D 171 -17.95 23.83 1.89
C PRO D 171 -19.44 24.03 2.20
N ASP D 172 -20.08 22.92 2.60
CA ASP D 172 -21.45 22.83 3.20
C ASP D 172 -22.50 23.35 2.21
N VAL D 173 -22.39 22.94 0.96
CA VAL D 173 -23.47 23.08 -0.06
C VAL D 173 -24.14 21.70 -0.14
N PRO D 174 -25.47 21.59 -0.37
CA PRO D 174 -26.16 20.29 -0.31
C PRO D 174 -25.45 19.20 -1.12
N GLY D 175 -25.05 19.54 -2.35
CA GLY D 175 -24.50 18.54 -3.30
C GLY D 175 -23.27 17.87 -2.74
N ASN D 176 -22.56 18.54 -1.81
CA ASN D 176 -21.32 17.99 -1.18
C ASN D 176 -21.67 16.71 -0.39
N TYR D 177 -22.94 16.47 -0.05
CA TYR D 177 -23.38 15.30 0.76
C TYR D 177 -23.89 14.15 -0.10
N ILE D 178 -23.62 14.16 -1.40
CA ILE D 178 -24.15 13.13 -2.33
C ILE D 178 -23.51 11.75 -2.05
N PHE D 179 -22.27 11.72 -1.54
CA PHE D 179 -21.56 10.45 -1.21
C PHE D 179 -21.47 10.23 0.31
N GLY D 180 -22.40 10.80 1.07
CA GLY D 180 -22.50 10.66 2.54
C GLY D 180 -21.76 11.75 3.29
N ARG D 181 -21.60 11.51 4.60
CA ARG D 181 -20.88 12.35 5.58
C ARG D 181 -19.52 12.78 5.04
N LEU D 182 -19.19 14.07 5.04
CA LEU D 182 -17.83 14.58 4.73
C LEU D 182 -17.26 15.06 6.06
N THR D 183 -15.97 14.86 6.33
CA THR D 183 -15.34 15.45 7.54
C THR D 183 -14.57 16.73 7.13
N CYS D 184 -14.57 17.73 8.01
CA CYS D 184 -13.86 19.03 7.84
C CYS D 184 -12.83 19.14 8.97
N HIS E 1 30.94 -4.33 -35.56
CA HIS E 1 30.39 -5.10 -34.43
C HIS E 1 31.17 -4.83 -33.15
N MET E 2 31.40 -3.55 -32.82
CA MET E 2 32.24 -3.15 -31.66
C MET E 2 31.47 -3.36 -30.34
N VAL E 3 30.17 -3.05 -30.34
CA VAL E 3 29.23 -3.09 -29.20
C VAL E 3 28.13 -4.12 -29.52
N SER E 4 27.85 -5.06 -28.63
CA SER E 4 26.81 -6.11 -28.83
C SER E 4 25.43 -5.45 -29.02
N GLU E 5 24.50 -6.10 -29.69
CA GLU E 5 23.10 -5.60 -29.77
C GLU E 5 22.40 -5.67 -28.40
N VAL E 6 22.79 -6.58 -27.51
CA VAL E 6 22.25 -6.60 -26.11
C VAL E 6 22.56 -5.22 -25.50
N ARG E 7 23.79 -4.74 -25.61
CA ARG E 7 24.17 -3.44 -24.97
C ARG E 7 23.59 -2.25 -25.77
N LYS E 8 23.51 -2.30 -27.09
CA LYS E 8 22.81 -1.25 -27.90
C LYS E 8 21.38 -1.07 -27.37
N LYS E 9 20.64 -2.16 -27.17
CA LYS E 9 19.27 -2.10 -26.59
C LYS E 9 19.31 -1.39 -25.23
N LYS E 10 20.22 -1.77 -24.33
CA LYS E 10 20.32 -1.12 -22.97
C LYS E 10 20.67 0.37 -23.14
N LEU E 11 21.55 0.69 -24.09
CA LEU E 11 21.95 2.11 -24.34
C LEU E 11 20.77 2.92 -24.89
N LEU E 12 19.99 2.37 -25.80
CA LEU E 12 18.77 3.07 -26.29
C LEU E 12 17.67 3.18 -25.22
N HIS E 13 17.49 2.19 -24.33
CA HIS E 13 16.52 2.27 -23.21
C HIS E 13 16.80 3.53 -22.35
N VAL E 14 18.07 3.76 -22.00
CA VAL E 14 18.45 4.92 -21.13
C VAL E 14 18.14 6.19 -21.91
N PHE E 15 18.55 6.21 -23.18
CA PHE E 15 18.30 7.33 -24.11
C PHE E 15 16.80 7.68 -24.12
N THR E 16 15.92 6.73 -24.44
CA THR E 16 14.49 7.01 -24.75
C THR E 16 13.71 7.26 -23.44
N VAL E 17 14.06 6.61 -22.33
CA VAL E 17 13.22 6.65 -21.10
C VAL E 17 13.75 7.70 -20.12
N PHE E 18 15.05 7.72 -19.87
CA PHE E 18 15.69 8.58 -18.87
C PHE E 18 16.19 9.88 -19.49
N PHE E 19 16.68 9.92 -20.73
CA PHE E 19 17.22 11.20 -21.25
C PHE E 19 16.08 11.96 -21.93
N ASP E 20 15.33 11.31 -22.82
CA ASP E 20 14.38 11.96 -23.74
C ASP E 20 13.01 12.09 -23.07
N SER E 21 12.94 12.81 -21.96
CA SER E 21 11.71 12.97 -21.20
C SER E 21 10.55 13.47 -22.07
N ASP E 22 10.72 14.43 -23.00
CA ASP E 22 9.57 14.98 -23.78
C ASP E 22 9.23 14.05 -24.95
N LYS E 23 9.99 12.98 -25.13
CA LYS E 23 9.70 11.91 -26.12
C LYS E 23 9.86 12.43 -27.55
N SER E 24 10.71 13.42 -27.78
CA SER E 24 10.91 14.06 -29.09
C SER E 24 11.78 13.19 -29.99
N GLY E 25 12.46 12.18 -29.48
CA GLY E 25 13.46 11.43 -30.25
C GLY E 25 14.85 12.03 -30.17
N VAL E 26 15.00 13.24 -29.64
CA VAL E 26 16.29 13.97 -29.53
C VAL E 26 16.42 14.56 -28.11
N VAL E 27 17.61 14.47 -27.56
CA VAL E 27 17.90 14.90 -26.18
C VAL E 27 18.44 16.32 -26.20
N GLU E 28 17.75 17.19 -25.45
CA GLU E 28 18.06 18.62 -25.32
C GLU E 28 17.98 19.01 -23.85
N LYS E 29 18.51 20.17 -23.54
CA LYS E 29 18.45 20.76 -22.20
C LYS E 29 17.04 20.63 -21.62
N GLN E 30 15.98 20.92 -22.40
CA GLN E 30 14.59 21.01 -21.88
C GLN E 30 14.09 19.63 -21.38
N ASP E 31 14.63 18.51 -21.90
CA ASP E 31 14.33 17.15 -21.38
C ASP E 31 14.69 17.11 -19.91
N PHE E 32 15.86 17.66 -19.53
CA PHE E 32 16.36 17.58 -18.15
C PHE E 32 15.58 18.55 -17.24
N GLU E 33 15.14 19.72 -17.75
CA GLU E 33 14.19 20.62 -17.04
C GLU E 33 12.86 19.89 -16.79
N LEU E 34 12.34 19.19 -17.79
CA LEU E 34 11.05 18.45 -17.64
C LEU E 34 11.23 17.31 -16.65
N ALA E 35 12.32 16.55 -16.72
CA ALA E 35 12.56 15.45 -15.78
C ALA E 35 12.62 15.98 -14.34
N ALA E 36 13.32 17.09 -14.07
CA ALA E 36 13.40 17.63 -12.68
C ALA E 36 12.01 18.05 -12.21
N GLN E 37 11.22 18.64 -13.11
CA GLN E 37 9.85 19.10 -12.76
C GLN E 37 9.00 17.89 -12.41
N ASN E 38 9.17 16.82 -13.17
CA ASN E 38 8.35 15.59 -12.98
C ASN E 38 8.67 14.94 -11.61
N ILE E 39 9.97 14.80 -11.30
CA ILE E 39 10.46 14.31 -9.99
C ILE E 39 9.96 15.21 -8.85
N ALA E 40 10.04 16.53 -9.02
CA ALA E 40 9.63 17.50 -7.97
C ALA E 40 8.14 17.30 -7.65
N LYS E 41 7.32 17.26 -8.69
CA LYS E 41 5.85 17.11 -8.58
C LYS E 41 5.58 15.86 -7.73
N LEU E 42 6.24 14.75 -8.05
CA LEU E 42 6.01 13.45 -7.36
C LEU E 42 6.46 13.52 -5.90
N ARG E 43 7.54 14.21 -5.54
CA ARG E 43 8.01 14.34 -4.13
C ARG E 43 7.26 15.46 -3.42
N GLY E 44 6.48 16.29 -4.12
CA GLY E 44 5.65 17.36 -3.54
C GLY E 44 6.45 18.62 -3.25
N TRP E 45 7.58 18.77 -3.93
CA TRP E 45 8.51 19.92 -3.82
C TRP E 45 7.97 21.04 -4.69
N ALA E 46 7.54 22.15 -4.09
CA ALA E 46 6.90 23.25 -4.82
C ALA E 46 7.90 23.95 -5.75
N PRO E 47 7.42 24.45 -6.91
CA PRO E 47 8.23 25.27 -7.82
C PRO E 47 8.74 26.49 -7.04
N GLY E 48 10.03 26.78 -7.12
CA GLY E 48 10.61 27.97 -6.48
C GLY E 48 11.03 27.65 -5.06
N SER E 49 10.83 26.41 -4.60
CA SER E 49 11.41 25.94 -3.34
C SER E 49 12.91 25.69 -3.54
N PRO E 50 13.73 25.77 -2.49
CA PRO E 50 15.12 25.34 -2.55
C PRO E 50 15.38 23.90 -3.04
N ALA E 51 14.58 22.94 -2.59
CA ALA E 51 14.77 21.53 -3.02
C ALA E 51 14.50 21.37 -4.54
N TYR E 52 13.55 22.12 -5.08
CA TYR E 52 13.15 22.15 -6.50
C TYR E 52 14.28 22.81 -7.32
N ASP E 53 14.72 24.01 -6.92
CA ASP E 53 15.81 24.77 -7.59
C ASP E 53 17.08 23.92 -7.64
N ILE E 54 17.45 23.27 -6.55
CA ILE E 54 18.65 22.40 -6.49
C ILE E 54 18.49 21.24 -7.47
N LEU E 55 17.33 20.59 -7.48
CA LEU E 55 17.01 19.48 -8.43
C LEU E 55 17.19 19.97 -9.88
N GLN E 56 16.59 21.10 -10.23
CA GLN E 56 16.71 21.75 -11.58
C GLN E 56 18.20 21.90 -11.91
N GLU E 57 18.99 22.46 -11.00
CA GLU E 57 20.44 22.72 -11.21
C GLU E 57 21.17 21.39 -11.41
N SER E 58 20.93 20.39 -10.56
CA SER E 58 21.56 19.04 -10.69
C SER E 58 21.29 18.39 -12.05
N MET E 59 20.06 18.47 -12.55
CA MET E 59 19.67 17.83 -13.82
C MET E 59 20.27 18.65 -14.98
N ILE E 60 20.39 19.97 -14.82
CA ILE E 60 21.00 20.75 -15.93
C ILE E 60 22.48 20.35 -15.94
N ALA E 61 23.08 20.09 -14.79
CA ALA E 61 24.50 19.71 -14.76
C ALA E 61 24.64 18.34 -15.41
N ILE E 62 23.66 17.42 -15.31
CA ILE E 62 23.77 16.12 -16.01
C ILE E 62 23.73 16.39 -17.52
N TRP E 63 22.74 17.14 -18.00
CA TRP E 63 22.61 17.58 -19.42
C TRP E 63 23.95 18.12 -19.93
N LEU E 64 24.57 19.06 -19.22
CA LEU E 64 25.77 19.73 -19.74
C LEU E 64 26.91 18.70 -19.83
N GLY E 65 27.02 17.78 -18.87
CA GLY E 65 28.03 16.70 -18.91
C GLY E 65 27.81 15.76 -20.09
N LEU E 66 26.55 15.39 -20.34
CA LEU E 66 26.14 14.52 -21.47
C LEU E 66 26.42 15.22 -22.81
N GLN E 67 26.04 16.48 -22.96
CA GLN E 67 26.39 17.29 -24.17
C GLN E 67 27.91 17.30 -24.36
N LYS E 68 28.67 17.58 -23.31
CA LYS E 68 30.13 17.67 -23.49
C LYS E 68 30.69 16.34 -24.07
N GLN E 69 30.20 15.18 -23.63
CA GLN E 69 30.73 13.87 -24.10
C GLN E 69 30.18 13.48 -25.48
N ALA E 70 28.90 13.71 -25.74
CA ALA E 70 28.20 13.10 -26.90
C ALA E 70 27.80 14.09 -28.00
N ASP E 71 27.77 15.40 -27.77
CA ASP E 71 27.27 16.30 -28.85
C ASP E 71 28.38 16.54 -29.88
N ALA E 72 28.79 15.52 -30.63
CA ALA E 72 29.93 15.49 -31.56
C ALA E 72 29.81 16.58 -32.63
N ASP E 73 28.62 17.08 -33.00
CA ASP E 73 28.52 18.16 -34.01
C ASP E 73 28.29 19.56 -33.39
N GLY E 74 28.13 19.72 -32.06
CA GLY E 74 28.09 21.02 -31.38
C GLY E 74 26.78 21.76 -31.50
N ASP E 75 25.70 21.11 -31.90
CA ASP E 75 24.43 21.81 -32.25
C ASP E 75 23.51 21.86 -31.00
N GLY E 76 23.98 21.33 -29.87
CA GLY E 76 23.24 21.42 -28.61
C GLY E 76 22.17 20.34 -28.47
N LYS E 77 22.21 19.33 -29.34
CA LYS E 77 21.25 18.22 -29.38
C LYS E 77 22.02 16.92 -29.36
N VAL E 78 21.60 15.97 -28.54
CA VAL E 78 22.17 14.59 -28.62
C VAL E 78 21.17 13.67 -29.31
N THR E 79 21.57 13.18 -30.48
CA THR E 79 20.77 12.26 -31.30
C THR E 79 21.07 10.83 -30.84
N GLN E 80 20.24 9.89 -31.27
CA GLN E 80 20.52 8.46 -31.01
C GLN E 80 21.86 8.06 -31.60
N ASP E 81 22.16 8.46 -32.82
CA ASP E 81 23.44 8.11 -33.48
C ASP E 81 24.58 8.62 -32.61
N GLU E 82 24.47 9.87 -32.13
CA GLU E 82 25.55 10.52 -31.35
C GLU E 82 25.81 9.72 -30.09
N TRP E 83 24.75 9.28 -29.42
CA TRP E 83 24.88 8.50 -28.17
C TRP E 83 25.55 7.15 -28.47
N LEU E 84 25.07 6.44 -29.49
CA LEU E 84 25.62 5.11 -29.83
C LEU E 84 27.06 5.26 -30.35
N ALA E 85 27.39 6.34 -31.07
CA ALA E 85 28.77 6.58 -31.57
C ALA E 85 29.72 6.73 -30.36
N LEU E 86 29.25 7.38 -29.29
CA LEU E 86 30.07 7.53 -28.07
C LEU E 86 30.47 6.15 -27.53
N TRP E 87 29.55 5.21 -27.43
CA TRP E 87 29.87 3.86 -26.94
C TRP E 87 30.73 3.04 -27.89
N ASP E 88 30.63 3.27 -29.19
CA ASP E 88 31.60 2.69 -30.17
C ASP E 88 33.03 3.18 -29.82
N GLU E 89 33.22 4.48 -29.58
CA GLU E 89 34.57 5.07 -29.25
C GLU E 89 35.05 4.46 -27.93
N TYR E 90 34.15 4.35 -26.93
CA TYR E 90 34.45 3.76 -25.60
C TYR E 90 34.82 2.30 -25.84
N ALA E 91 34.18 1.60 -26.79
CA ALA E 91 34.45 0.17 -27.05
C ALA E 91 35.94 0.00 -27.37
N LYS E 92 36.50 0.89 -28.18
CA LYS E 92 37.94 0.84 -28.56
C LYS E 92 38.82 1.17 -27.34
N ASP E 93 38.53 2.24 -26.60
CA ASP E 93 39.35 2.71 -25.44
C ASP E 93 38.51 2.75 -24.16
N PRO E 94 38.41 1.63 -23.39
CA PRO E 94 37.55 1.58 -22.18
C PRO E 94 38.02 2.42 -20.97
N ALA E 95 39.33 2.65 -20.84
CA ALA E 95 39.96 3.63 -19.92
C ALA E 95 39.36 5.05 -20.09
N ALA E 96 39.17 5.52 -21.33
CA ALA E 96 38.72 6.90 -21.66
C ALA E 96 37.28 7.12 -21.19
N ALA E 97 36.47 6.05 -21.09
CA ALA E 97 35.02 6.10 -20.78
C ALA E 97 34.79 6.43 -19.30
N LYS E 98 35.79 6.09 -18.48
CA LYS E 98 35.64 5.85 -17.03
C LYS E 98 35.06 7.09 -16.35
N ASP E 99 35.68 8.25 -16.56
CA ASP E 99 35.44 9.49 -15.77
C ASP E 99 33.96 9.87 -15.87
N TRP E 100 33.44 10.07 -17.07
CA TRP E 100 32.07 10.62 -17.20
C TRP E 100 31.07 9.56 -16.74
N GLN E 101 31.22 8.30 -17.18
N GLN E 101 31.26 8.30 -17.14
CA GLN E 101 30.36 7.15 -16.75
CA GLN E 101 30.36 7.18 -16.76
C GLN E 101 30.26 7.19 -15.22
C GLN E 101 30.27 7.15 -15.22
N ASN E 102 31.41 7.23 -14.53
CA ASN E 102 31.47 7.30 -13.04
C ASN E 102 30.69 8.51 -12.52
N LEU E 103 30.84 9.66 -13.18
CA LEU E 103 30.23 10.92 -12.70
C LEU E 103 28.73 10.80 -12.86
N LEU E 104 28.28 10.32 -14.01
CA LEU E 104 26.82 10.15 -14.21
C LEU E 104 26.25 9.17 -13.16
N CYS E 105 26.95 8.08 -12.84
CA CYS E 105 26.55 7.11 -11.78
C CYS E 105 26.30 7.87 -10.46
N LYS E 106 27.29 8.64 -10.03
CA LYS E 106 27.23 9.43 -8.77
C LYS E 106 25.99 10.33 -8.81
N SER E 107 25.83 11.08 -9.90
CA SER E 107 24.74 12.07 -10.12
C SER E 107 23.38 11.39 -10.02
N ILE E 108 23.20 10.26 -10.72
CA ILE E 108 21.88 9.60 -10.76
C ILE E 108 21.58 9.03 -9.38
N PHE E 109 22.53 8.36 -8.74
CA PHE E 109 22.37 7.89 -7.34
C PHE E 109 21.92 9.00 -6.39
N GLN E 110 22.59 10.16 -6.45
N GLN E 110 22.62 10.14 -6.45
CA GLN E 110 22.33 11.29 -5.53
CA GLN E 110 22.38 11.37 -5.65
C GLN E 110 20.95 11.88 -5.84
C GLN E 110 20.94 11.81 -5.86
N ILE E 111 20.53 11.92 -7.12
CA ILE E 111 19.14 12.29 -7.49
C ILE E 111 18.21 11.32 -6.75
N GLN E 112 18.44 10.01 -6.85
CA GLN E 112 17.54 9.00 -6.21
C GLN E 112 17.56 9.08 -4.68
N ASP E 113 18.72 9.32 -4.08
CA ASP E 113 18.90 9.27 -2.60
C ASP E 113 18.39 10.59 -2.00
N SER E 114 17.07 10.85 -2.05
CA SER E 114 16.47 12.11 -1.54
C SER E 114 16.68 12.24 0.00
N SER E 115 16.84 11.15 0.75
CA SER E 115 17.11 11.19 2.23
C SER E 115 18.60 11.37 2.54
N ASN E 116 19.51 11.33 1.57
CA ASN E 116 20.97 11.56 1.77
C ASN E 116 21.64 10.61 2.77
N ASP E 117 21.09 9.41 3.00
CA ASP E 117 21.66 8.44 3.98
C ASP E 117 22.65 7.46 3.29
N GLY E 118 22.97 7.73 2.02
CA GLY E 118 23.96 6.96 1.23
C GLY E 118 23.43 5.61 0.71
N SER E 119 22.12 5.41 0.71
CA SER E 119 21.45 4.15 0.29
C SER E 119 20.18 4.54 -0.44
N VAL E 120 19.82 3.79 -1.51
CA VAL E 120 18.53 3.99 -2.20
C VAL E 120 17.57 2.88 -1.76
N ASP E 121 16.46 3.30 -1.17
CA ASP E 121 15.39 2.42 -0.63
C ASP E 121 14.36 2.25 -1.75
N VAL E 122 13.39 1.35 -1.53
CA VAL E 122 12.38 0.96 -2.54
C VAL E 122 11.55 2.19 -2.89
N ASN E 123 11.12 3.00 -1.92
CA ASN E 123 10.30 4.19 -2.28
C ASN E 123 11.10 5.22 -3.08
N GLU E 124 12.39 5.41 -2.80
CA GLU E 124 13.23 6.41 -3.52
C GLU E 124 13.35 6.00 -4.99
N TYR E 125 13.64 4.70 -5.26
CA TYR E 125 13.83 4.10 -6.60
C TYR E 125 12.51 4.25 -7.36
N VAL E 126 11.41 3.95 -6.68
CA VAL E 126 10.12 3.78 -7.39
C VAL E 126 9.60 5.15 -7.80
N THR E 127 9.63 6.12 -6.88
CA THR E 127 9.24 7.54 -7.12
C THR E 127 9.91 8.08 -8.39
N VAL E 128 11.23 7.95 -8.49
CA VAL E 128 12.04 8.42 -9.63
C VAL E 128 11.67 7.64 -10.88
N HIS E 129 11.47 6.31 -10.81
CA HIS E 129 11.06 5.51 -12.00
C HIS E 129 9.66 5.95 -12.43
N GLU E 130 8.77 6.22 -11.48
CA GLU E 130 7.41 6.72 -11.78
C GLU E 130 7.52 8.05 -12.53
N SER E 131 8.51 8.89 -12.19
CA SER E 131 8.65 10.26 -12.77
C SER E 131 8.95 10.16 -14.26
N PHE E 132 9.52 9.03 -14.69
CA PHE E 132 9.88 8.71 -16.09
C PHE E 132 8.80 7.85 -16.76
N GLY E 133 7.64 7.69 -16.14
CA GLY E 133 6.47 7.03 -16.76
C GLY E 133 6.46 5.53 -16.56
N LEU E 134 7.47 4.95 -15.89
CA LEU E 134 7.53 3.48 -15.67
C LEU E 134 6.54 3.07 -14.59
N ASN E 135 6.10 1.82 -14.64
CA ASN E 135 5.02 1.28 -13.78
C ASN E 135 5.54 0.99 -12.36
N LYS E 136 4.79 1.41 -11.33
CA LYS E 136 5.14 1.26 -9.89
C LYS E 136 5.43 -0.22 -9.60
N GLU E 137 4.42 -1.09 -9.69
CA GLU E 137 4.54 -2.53 -9.41
C GLU E 137 5.76 -3.08 -10.16
N GLU E 138 5.90 -2.74 -11.44
CA GLU E 138 6.99 -3.28 -12.30
C GLU E 138 8.35 -2.84 -11.72
N SER E 139 8.46 -1.59 -11.30
CA SER E 139 9.70 -1.01 -10.76
CA SER E 139 9.73 -1.05 -10.78
C SER E 139 9.99 -1.60 -9.37
N THR E 140 8.95 -1.98 -8.63
CA THR E 140 9.10 -2.62 -7.28
C THR E 140 9.75 -4.03 -7.45
N GLU E 141 9.24 -4.79 -8.45
CA GLU E 141 9.82 -6.13 -8.74
C GLU E 141 11.27 -5.91 -9.16
N ALA E 142 11.48 -5.04 -10.15
CA ALA E 142 12.78 -4.67 -10.73
C ALA E 142 13.79 -4.32 -9.62
N PHE E 143 13.31 -3.65 -8.56
CA PHE E 143 14.13 -3.25 -7.38
C PHE E 143 14.52 -4.51 -6.57
N LYS E 144 13.60 -5.44 -6.36
CA LYS E 144 13.89 -6.60 -5.48
C LYS E 144 14.91 -7.50 -6.16
N LYS E 145 14.98 -7.51 -7.49
CA LYS E 145 16.01 -8.23 -8.28
C LYS E 145 17.39 -7.57 -8.09
N LEU E 146 17.47 -6.26 -8.34
CA LEU E 146 18.69 -5.43 -8.11
C LEU E 146 19.23 -5.68 -6.70
N ALA E 147 18.37 -5.43 -5.72
CA ALA E 147 18.64 -5.40 -4.26
C ALA E 147 18.78 -6.81 -3.64
N LYS E 148 18.66 -7.87 -4.43
CA LYS E 148 18.81 -9.26 -3.92
C LYS E 148 17.88 -9.44 -2.68
N GLY E 149 16.65 -8.91 -2.76
CA GLY E 149 15.58 -9.01 -1.76
C GLY E 149 15.75 -8.11 -0.54
N LYS E 150 16.77 -7.24 -0.51
CA LYS E 150 16.98 -6.27 0.61
C LYS E 150 16.08 -5.06 0.35
N ASP E 151 15.90 -4.18 1.36
CA ASP E 151 15.01 -2.99 1.30
C ASP E 151 15.77 -1.75 0.84
N SER E 152 17.08 -1.88 0.57
CA SER E 152 17.92 -0.76 0.09
C SER E 152 19.23 -1.24 -0.59
N ILE E 153 19.80 -0.36 -1.40
CA ILE E 153 21.04 -0.54 -2.22
C ILE E 153 22.04 0.52 -1.75
N SER E 154 23.19 0.09 -1.22
CA SER E 154 24.33 0.96 -0.85
C SER E 154 24.93 1.57 -2.11
N TRP E 155 25.58 2.73 -1.95
CA TRP E 155 26.43 3.37 -2.97
C TRP E 155 27.34 2.30 -3.58
N ALA E 156 28.05 1.56 -2.74
CA ALA E 156 28.96 0.44 -3.15
C ALA E 156 28.27 -0.55 -4.09
N ASP E 157 27.04 -0.95 -3.74
CA ASP E 157 26.31 -2.02 -4.48
C ASP E 157 25.84 -1.43 -5.80
N PHE E 158 25.32 -0.21 -5.77
CA PHE E 158 24.77 0.52 -6.91
C PHE E 158 25.82 0.72 -8.01
N GLN E 159 27.07 1.01 -7.63
CA GLN E 159 28.21 1.17 -8.55
C GLN E 159 28.40 -0.12 -9.35
N GLU E 160 28.46 -1.27 -8.70
CA GLU E 160 28.67 -2.61 -9.36
C GLU E 160 27.52 -2.95 -10.30
N LEU E 161 26.29 -2.58 -9.93
CA LEU E 161 25.06 -2.82 -10.72
C LEU E 161 25.10 -1.91 -11.96
N TRP E 162 25.44 -0.65 -11.75
CA TRP E 162 25.59 0.37 -12.80
C TRP E 162 26.63 -0.07 -13.83
N LYS E 163 27.80 -0.50 -13.41
CA LYS E 163 28.83 -1.00 -14.33
C LYS E 163 28.29 -2.22 -15.09
N GLU E 164 27.55 -3.09 -14.44
CA GLU E 164 26.94 -4.23 -15.12
C GLU E 164 26.02 -3.73 -16.24
N TYR E 165 25.12 -2.80 -15.93
CA TYR E 165 24.12 -2.38 -16.94
C TYR E 165 24.82 -1.86 -18.19
N PHE E 166 25.90 -1.09 -18.00
CA PHE E 166 26.56 -0.36 -19.11
C PHE E 166 27.56 -1.27 -19.83
N SER E 167 28.15 -2.23 -19.14
CA SER E 167 29.26 -3.07 -19.67
CA SER E 167 29.26 -3.07 -19.69
C SER E 167 28.85 -4.53 -19.98
N SER E 168 27.77 -5.07 -19.43
CA SER E 168 27.51 -6.54 -19.61
C SER E 168 26.84 -6.80 -20.97
N ASP E 169 27.32 -7.81 -21.69
CA ASP E 169 26.68 -8.38 -22.92
C ASP E 169 25.60 -9.39 -22.53
N ASP E 170 25.55 -9.78 -21.25
CA ASP E 170 24.58 -10.77 -20.72
C ASP E 170 23.21 -10.10 -20.63
N PRO E 171 22.18 -10.60 -21.37
CA PRO E 171 20.86 -9.98 -21.34
C PRO E 171 20.14 -10.22 -20.00
N ASP E 172 20.62 -11.07 -19.10
CA ASP E 172 19.89 -11.36 -17.85
C ASP E 172 20.82 -11.41 -16.62
N VAL E 173 21.23 -10.26 -16.11
CA VAL E 173 22.04 -10.07 -14.86
C VAL E 173 21.36 -8.96 -14.09
N PRO E 174 21.51 -8.93 -12.75
CA PRO E 174 20.74 -8.02 -11.90
C PRO E 174 20.93 -6.54 -12.29
N GLY E 175 22.15 -6.13 -12.64
CA GLY E 175 22.46 -4.78 -13.17
C GLY E 175 21.50 -4.29 -14.26
N ASN E 176 21.00 -5.20 -15.10
CA ASN E 176 20.16 -4.86 -16.29
C ASN E 176 18.85 -4.21 -15.89
N TYR E 177 18.49 -4.27 -14.60
CA TYR E 177 17.20 -3.80 -14.06
C TYR E 177 17.29 -2.37 -13.52
N ILE E 178 18.48 -1.78 -13.53
CA ILE E 178 18.76 -0.53 -12.79
C ILE E 178 17.95 0.63 -13.39
N PHE E 179 17.50 0.57 -14.63
CA PHE E 179 16.62 1.57 -15.29
C PHE E 179 15.26 0.95 -15.57
N GLY E 180 14.82 0.07 -14.67
CA GLY E 180 13.49 -0.57 -14.69
C GLY E 180 13.42 -1.71 -15.70
N ARG E 181 12.19 -2.07 -16.09
CA ARG E 181 11.91 -3.08 -17.13
C ARG E 181 12.32 -2.45 -18.46
N LEU E 182 12.90 -3.23 -19.37
CA LEU E 182 13.44 -2.77 -20.68
C LEU E 182 12.34 -2.76 -21.75
N HIS F 1 -10.05 10.06 -24.52
CA HIS F 1 -9.79 8.76 -23.81
C HIS F 1 -10.76 7.68 -24.33
N MET F 2 -10.97 7.59 -25.65
CA MET F 2 -11.92 6.66 -26.35
C MET F 2 -11.50 5.18 -26.16
N VAL F 3 -10.20 4.94 -26.16
CA VAL F 3 -9.62 3.58 -26.11
C VAL F 3 -8.76 3.51 -24.84
N SER F 4 -8.99 2.49 -24.01
CA SER F 4 -8.22 2.20 -22.77
C SER F 4 -6.74 2.06 -23.11
N GLU F 5 -5.85 2.49 -22.22
CA GLU F 5 -4.40 2.28 -22.36
C GLU F 5 -4.06 0.79 -22.27
N VAL F 6 -4.86 -0.04 -21.60
CA VAL F 6 -4.59 -1.52 -21.70
C VAL F 6 -4.66 -1.92 -23.17
N ARG F 7 -5.66 -1.40 -23.89
CA ARG F 7 -5.90 -1.81 -25.28
C ARG F 7 -4.83 -1.16 -26.18
N LYS F 8 -4.49 0.10 -25.94
CA LYS F 8 -3.46 0.81 -26.75
C LYS F 8 -2.14 0.03 -26.67
N LYS F 9 -1.76 -0.47 -25.50
CA LYS F 9 -0.53 -1.31 -25.35
C LYS F 9 -0.64 -2.58 -26.22
N LYS F 10 -1.77 -3.31 -26.13
CA LYS F 10 -2.01 -4.50 -26.97
C LYS F 10 -1.91 -4.09 -28.45
N LEU F 11 -2.50 -2.98 -28.83
CA LEU F 11 -2.49 -2.55 -30.26
C LEU F 11 -1.06 -2.17 -30.66
N LEU F 12 -0.26 -1.54 -29.78
CA LEU F 12 1.13 -1.16 -30.12
C LEU F 12 2.02 -2.41 -30.20
N HIS F 13 1.74 -3.44 -29.39
CA HIS F 13 2.46 -4.76 -29.43
C HIS F 13 2.30 -5.37 -30.82
N VAL F 14 1.08 -5.35 -31.35
CA VAL F 14 0.79 -5.90 -32.69
C VAL F 14 1.61 -5.05 -33.69
N PHE F 15 1.59 -3.73 -33.54
CA PHE F 15 2.22 -2.80 -34.54
C PHE F 15 3.72 -3.05 -34.58
N THR F 16 4.41 -3.08 -33.43
CA THR F 16 5.90 -3.06 -33.38
C THR F 16 6.47 -4.47 -33.60
N VAL F 17 5.71 -5.53 -33.30
CA VAL F 17 6.21 -6.95 -33.36
C VAL F 17 5.71 -7.62 -34.65
N PHE F 18 4.43 -7.51 -34.99
CA PHE F 18 3.85 -8.22 -36.15
C PHE F 18 3.80 -7.33 -37.42
N PHE F 19 3.61 -6.02 -37.31
CA PHE F 19 3.52 -5.20 -38.54
C PHE F 19 4.93 -4.67 -38.92
N ASP F 20 5.67 -4.16 -37.95
CA ASP F 20 6.92 -3.43 -38.21
C ASP F 20 8.11 -4.39 -38.19
N SER F 21 8.18 -5.30 -39.17
CA SER F 21 9.24 -6.34 -39.20
C SER F 21 10.61 -5.71 -39.32
N ASP F 22 10.80 -4.64 -40.11
CA ASP F 22 12.14 -4.02 -40.24
C ASP F 22 12.43 -3.12 -39.02
N LYS F 23 11.50 -2.93 -38.07
CA LYS F 23 11.77 -2.17 -36.81
C LYS F 23 12.00 -0.68 -37.09
N SER F 24 11.53 -0.15 -38.21
CA SER F 24 11.76 1.26 -38.61
C SER F 24 10.86 2.18 -37.77
N GLY F 25 9.81 1.66 -37.12
CA GLY F 25 8.86 2.49 -36.35
C GLY F 25 7.67 2.91 -37.17
N VAL F 26 7.72 2.62 -38.47
CA VAL F 26 6.66 2.93 -39.45
C VAL F 26 6.38 1.66 -40.26
N VAL F 27 5.12 1.39 -40.57
CA VAL F 27 4.75 0.11 -41.23
C VAL F 27 4.59 0.41 -42.72
N GLU F 28 5.20 -0.44 -43.55
CA GLU F 28 5.12 -0.29 -45.01
C GLU F 28 4.98 -1.67 -45.65
N LYS F 29 4.60 -1.72 -46.93
CA LYS F 29 4.52 -2.96 -47.75
C LYS F 29 5.75 -3.84 -47.48
N GLN F 30 6.94 -3.24 -47.61
CA GLN F 30 8.24 -3.95 -47.46
C GLN F 30 8.31 -4.73 -46.15
N ASP F 31 7.58 -4.31 -45.12
CA ASP F 31 7.61 -5.00 -43.79
C ASP F 31 7.03 -6.40 -43.93
N PHE F 32 5.92 -6.47 -44.67
CA PHE F 32 5.15 -7.70 -44.95
C PHE F 32 5.90 -8.61 -45.92
N GLU F 33 6.64 -8.04 -46.87
CA GLU F 33 7.63 -8.78 -47.67
C GLU F 33 8.68 -9.38 -46.76
N LEU F 34 9.27 -8.62 -45.84
CA LEU F 34 10.31 -9.17 -44.93
C LEU F 34 9.72 -10.30 -44.06
N ALA F 35 8.50 -10.14 -43.54
CA ALA F 35 7.85 -11.09 -42.62
C ALA F 35 7.63 -12.42 -43.34
N ALA F 36 7.08 -12.38 -44.57
CA ALA F 36 6.90 -13.58 -45.42
C ALA F 36 8.24 -14.29 -45.62
N GLN F 37 9.28 -13.53 -45.91
CA GLN F 37 10.67 -14.04 -46.08
C GLN F 37 11.17 -14.65 -44.76
N ASN F 38 10.95 -13.99 -43.61
CA ASN F 38 11.30 -14.55 -42.26
C ASN F 38 10.56 -15.87 -42.00
N ILE F 39 9.27 -15.96 -42.27
CA ILE F 39 8.50 -17.21 -42.03
C ILE F 39 8.98 -18.35 -42.97
N ALA F 40 9.22 -18.00 -44.24
CA ALA F 40 9.67 -18.94 -45.30
C ALA F 40 11.00 -19.53 -44.86
N LYS F 41 11.92 -18.67 -44.45
CA LYS F 41 13.25 -19.05 -43.94
C LYS F 41 13.05 -20.10 -42.83
N LEU F 42 12.19 -19.82 -41.87
CA LEU F 42 12.07 -20.73 -40.69
C LEU F 42 11.41 -22.04 -41.11
N ARG F 43 10.52 -22.00 -42.12
CA ARG F 43 9.90 -23.23 -42.68
C ARG F 43 10.82 -23.94 -43.68
N GLY F 44 11.93 -23.34 -44.08
CA GLY F 44 12.79 -23.83 -45.19
C GLY F 44 12.05 -23.89 -46.52
N TRP F 45 11.15 -22.94 -46.80
CA TRP F 45 10.52 -22.67 -48.12
C TRP F 45 11.45 -21.80 -48.95
N ALA F 46 12.04 -22.32 -50.03
CA ALA F 46 13.03 -21.59 -50.87
C ALA F 46 12.37 -20.41 -51.57
N PRO F 47 13.11 -19.30 -51.76
CA PRO F 47 12.61 -18.18 -52.57
C PRO F 47 12.18 -18.64 -53.98
N GLY F 48 11.11 -18.06 -54.53
CA GLY F 48 10.57 -18.42 -55.86
C GLY F 48 9.86 -19.77 -55.90
N SER F 49 9.78 -20.54 -54.77
CA SER F 49 9.03 -21.82 -54.71
C SER F 49 7.55 -21.44 -54.67
N PRO F 50 6.60 -22.30 -55.13
CA PRO F 50 5.17 -22.01 -54.99
C PRO F 50 4.74 -21.54 -53.58
N ALA F 51 5.15 -22.23 -52.50
CA ALA F 51 4.78 -21.94 -51.09
C ALA F 51 5.31 -20.56 -50.66
N TYR F 52 6.59 -20.29 -50.91
CA TYR F 52 7.18 -18.93 -50.72
C TYR F 52 6.36 -17.88 -51.47
N ASP F 53 6.03 -18.07 -52.76
CA ASP F 53 5.31 -17.03 -53.56
C ASP F 53 3.89 -16.86 -53.01
N ILE F 54 3.21 -17.93 -52.63
CA ILE F 54 1.82 -17.82 -52.09
C ILE F 54 1.83 -17.04 -50.75
N LEU F 55 2.83 -17.28 -49.89
CA LEU F 55 3.01 -16.60 -48.58
C LEU F 55 3.28 -15.10 -48.83
N GLN F 56 4.20 -14.77 -49.74
CA GLN F 56 4.36 -13.37 -50.24
C GLN F 56 3.00 -12.72 -50.55
N GLU F 57 2.24 -13.29 -51.46
CA GLU F 57 0.89 -12.78 -51.82
C GLU F 57 -0.04 -12.78 -50.60
N SER F 58 -0.03 -13.77 -49.69
CA SER F 58 -0.88 -13.70 -48.45
C SER F 58 -0.47 -12.50 -47.54
N MET F 59 0.82 -12.26 -47.32
CA MET F 59 1.30 -11.17 -46.46
C MET F 59 1.00 -9.81 -47.14
N ILE F 60 1.24 -9.67 -48.46
CA ILE F 60 0.99 -8.38 -49.19
C ILE F 60 -0.51 -8.05 -49.08
N ALA F 61 -1.36 -9.07 -49.10
CA ALA F 61 -2.84 -8.93 -49.04
C ALA F 61 -3.24 -8.39 -47.66
N ILE F 62 -2.51 -8.75 -46.61
CA ILE F 62 -2.75 -8.22 -45.25
C ILE F 62 -2.35 -6.74 -45.27
N TRP F 63 -1.14 -6.45 -45.75
CA TRP F 63 -0.63 -5.07 -45.92
C TRP F 63 -1.71 -4.23 -46.59
N LEU F 64 -2.29 -4.71 -47.68
CA LEU F 64 -3.27 -3.94 -48.50
C LEU F 64 -4.54 -3.66 -47.71
N GLY F 65 -5.08 -4.64 -46.96
CA GLY F 65 -6.20 -4.43 -46.02
C GLY F 65 -5.86 -3.41 -44.93
N LEU F 66 -4.68 -3.50 -44.33
CA LEU F 66 -4.19 -2.53 -43.31
C LEU F 66 -4.12 -1.11 -43.88
N GLN F 67 -3.53 -0.93 -45.07
CA GLN F 67 -3.33 0.43 -45.66
C GLN F 67 -4.73 1.01 -45.92
N LYS F 68 -5.65 0.21 -46.47
CA LYS F 68 -7.01 0.74 -46.77
C LYS F 68 -7.69 1.21 -45.49
N GLN F 69 -7.43 0.56 -44.35
CA GLN F 69 -8.03 0.92 -43.05
C GLN F 69 -7.34 2.15 -42.44
N ALA F 70 -6.03 2.14 -42.31
CA ALA F 70 -5.31 3.00 -41.33
C ALA F 70 -4.48 4.09 -42.03
N ASP F 71 -4.14 3.94 -43.33
CA ASP F 71 -3.23 4.90 -44.04
C ASP F 71 -4.01 6.16 -44.48
N ALA F 72 -4.33 6.99 -43.51
CA ALA F 72 -5.31 8.09 -43.58
C ALA F 72 -4.90 9.13 -44.64
N ASP F 73 -3.60 9.33 -44.82
CA ASP F 73 -3.08 10.34 -45.81
C ASP F 73 -2.60 9.64 -47.08
N GLY F 74 -2.78 8.33 -47.22
CA GLY F 74 -2.51 7.63 -48.49
C GLY F 74 -1.06 7.68 -48.93
N ASP F 75 -0.10 7.88 -48.03
CA ASP F 75 1.31 8.04 -48.45
C ASP F 75 2.04 6.69 -48.53
N GLY F 76 1.34 5.58 -48.22
CA GLY F 76 1.92 4.23 -48.26
C GLY F 76 2.63 3.86 -46.97
N LYS F 77 2.48 4.67 -45.92
CA LYS F 77 3.10 4.34 -44.63
C LYS F 77 1.99 4.36 -43.60
N VAL F 78 2.03 3.43 -42.64
CA VAL F 78 1.11 3.48 -41.47
C VAL F 78 1.94 3.82 -40.22
N THR F 79 1.71 5.01 -39.66
CA THR F 79 2.43 5.47 -38.46
C THR F 79 1.78 4.82 -37.25
N GLN F 80 2.43 4.92 -36.09
CA GLN F 80 1.77 4.51 -34.81
C GLN F 80 0.52 5.34 -34.60
N ASP F 81 0.60 6.65 -34.86
CA ASP F 81 -0.57 7.53 -34.63
C ASP F 81 -1.72 7.10 -35.54
N GLU F 82 -1.46 6.80 -36.81
CA GLU F 82 -2.55 6.37 -37.74
C GLU F 82 -3.20 5.06 -37.25
N TRP F 83 -2.38 4.12 -36.82
CA TRP F 83 -2.87 2.83 -36.24
C TRP F 83 -3.79 3.07 -35.02
N LEU F 84 -3.35 3.85 -34.04
CA LEU F 84 -4.17 4.10 -32.84
C LEU F 84 -5.39 4.96 -33.24
N ALA F 85 -5.23 5.90 -34.18
CA ALA F 85 -6.34 6.73 -34.73
C ALA F 85 -7.47 5.84 -35.28
N LEU F 86 -7.16 4.85 -36.12
CA LEU F 86 -8.16 3.82 -36.57
C LEU F 86 -8.99 3.32 -35.38
N TRP F 87 -8.31 2.87 -34.31
CA TRP F 87 -8.99 2.21 -33.16
C TRP F 87 -9.84 3.21 -32.40
N ASP F 88 -9.45 4.50 -32.34
CA ASP F 88 -10.33 5.53 -31.74
C ASP F 88 -11.61 5.65 -32.58
N GLU F 89 -11.51 5.57 -33.91
CA GLU F 89 -12.66 5.62 -34.85
C GLU F 89 -13.57 4.41 -34.55
N TYR F 90 -13.01 3.20 -34.49
CA TYR F 90 -13.72 1.93 -34.18
C TYR F 90 -14.44 2.03 -32.83
N ALA F 91 -13.81 2.59 -31.78
CA ALA F 91 -14.46 2.80 -30.46
C ALA F 91 -15.78 3.57 -30.66
N LYS F 92 -15.83 4.60 -31.48
CA LYS F 92 -17.10 5.32 -31.75
C LYS F 92 -18.12 4.38 -32.39
N ASP F 93 -17.69 3.50 -33.29
CA ASP F 93 -18.60 2.78 -34.22
C ASP F 93 -18.15 1.32 -34.39
N PRO F 94 -18.32 0.43 -33.36
CA PRO F 94 -17.69 -0.89 -33.39
C PRO F 94 -18.09 -1.77 -34.59
N ALA F 95 -19.27 -1.51 -35.21
CA ALA F 95 -19.81 -2.20 -36.40
C ALA F 95 -18.86 -2.00 -37.59
N ALA F 96 -18.49 -0.75 -37.89
CA ALA F 96 -17.53 -0.35 -38.94
C ALA F 96 -16.14 -0.97 -38.72
N ALA F 97 -15.85 -1.55 -37.55
CA ALA F 97 -14.55 -2.22 -37.22
C ALA F 97 -14.53 -3.70 -37.64
N LYS F 98 -15.69 -4.37 -37.56
CA LYS F 98 -15.84 -5.84 -37.53
C LYS F 98 -15.12 -6.46 -38.73
N ASP F 99 -15.50 -6.10 -39.96
CA ASP F 99 -15.16 -6.87 -41.19
C ASP F 99 -13.65 -6.96 -41.32
N TRP F 100 -12.92 -5.85 -41.20
CA TRP F 100 -11.46 -5.91 -41.41
C TRP F 100 -10.82 -6.74 -40.28
N GLN F 101 -11.28 -6.63 -39.03
CA GLN F 101 -10.73 -7.46 -37.88
C GLN F 101 -10.94 -8.95 -38.16
N ASN F 102 -12.13 -9.31 -38.62
CA ASN F 102 -12.51 -10.70 -39.01
C ASN F 102 -11.59 -11.19 -40.13
N LEU F 103 -11.37 -10.40 -41.18
CA LEU F 103 -10.49 -10.77 -42.33
C LEU F 103 -9.06 -10.98 -41.80
N LEU F 104 -8.57 -10.04 -40.97
CA LEU F 104 -7.18 -10.11 -40.46
C LEU F 104 -7.02 -11.38 -39.61
N CYS F 105 -8.02 -11.69 -38.79
CA CYS F 105 -8.06 -12.93 -37.97
C CYS F 105 -7.93 -14.17 -38.89
N LYS F 106 -8.75 -14.24 -39.92
CA LYS F 106 -8.69 -15.33 -40.94
C LYS F 106 -7.30 -15.41 -41.59
N SER F 107 -6.72 -14.28 -41.98
CA SER F 107 -5.45 -14.26 -42.75
C SER F 107 -4.31 -14.75 -41.87
N ILE F 108 -4.29 -14.33 -40.61
CA ILE F 108 -3.21 -14.66 -39.65
C ILE F 108 -3.32 -16.14 -39.28
N PHE F 109 -4.55 -16.63 -39.07
CA PHE F 109 -4.80 -18.06 -38.75
C PHE F 109 -4.29 -18.96 -39.91
N GLN F 110 -4.69 -18.57 -41.13
CA GLN F 110 -4.33 -19.26 -42.41
C GLN F 110 -2.80 -19.28 -42.55
N ILE F 111 -2.12 -18.15 -42.27
CA ILE F 111 -0.64 -18.13 -42.31
C ILE F 111 -0.12 -19.12 -41.25
N GLN F 112 -0.71 -19.17 -40.06
CA GLN F 112 -0.14 -19.98 -38.96
C GLN F 112 -0.35 -21.46 -39.25
N ASP F 113 -1.50 -21.80 -39.84
CA ASP F 113 -1.89 -23.21 -40.06
C ASP F 113 -1.15 -23.75 -41.28
N SER F 114 0.19 -23.85 -41.24
CA SER F 114 1.02 -24.31 -42.39
C SER F 114 0.55 -25.70 -42.84
N SER F 115 0.15 -26.59 -41.91
CA SER F 115 -0.36 -27.96 -42.22
C SER F 115 -1.70 -27.87 -42.96
N ASN F 116 -2.45 -26.78 -42.89
CA ASN F 116 -3.78 -26.66 -43.55
C ASN F 116 -4.79 -27.72 -43.07
N ASP F 117 -4.75 -28.13 -41.80
CA ASP F 117 -5.75 -29.09 -41.23
C ASP F 117 -6.89 -28.38 -40.49
N GLY F 118 -6.90 -27.06 -40.35
CA GLY F 118 -8.00 -26.32 -39.68
C GLY F 118 -7.70 -25.98 -38.21
N SER F 119 -6.49 -26.27 -37.73
CA SER F 119 -6.07 -26.10 -36.33
C SER F 119 -4.63 -25.61 -36.29
N VAL F 120 -4.32 -24.79 -35.28
CA VAL F 120 -2.92 -24.33 -35.06
C VAL F 120 -2.31 -25.11 -33.90
N ASP F 121 -1.26 -25.90 -34.15
CA ASP F 121 -0.55 -26.68 -33.10
C ASP F 121 0.65 -25.87 -32.57
N VAL F 122 1.42 -26.44 -31.65
CA VAL F 122 2.44 -25.69 -30.87
C VAL F 122 3.62 -25.29 -31.78
N ASN F 123 3.98 -26.11 -32.77
CA ASN F 123 5.14 -25.86 -33.69
C ASN F 123 4.81 -24.77 -34.71
N GLU F 124 3.65 -24.87 -35.34
CA GLU F 124 3.07 -23.81 -36.19
C GLU F 124 3.07 -22.47 -35.43
N TYR F 125 2.54 -22.44 -34.20
CA TYR F 125 2.41 -21.20 -33.40
C TYR F 125 3.82 -20.66 -33.11
N VAL F 126 4.70 -21.52 -32.62
CA VAL F 126 6.02 -21.07 -32.12
C VAL F 126 6.86 -20.62 -33.31
N THR F 127 6.79 -21.35 -34.43
CA THR F 127 7.62 -21.10 -35.64
C THR F 127 7.36 -19.67 -36.09
N VAL F 128 6.09 -19.32 -36.32
CA VAL F 128 5.67 -17.95 -36.69
C VAL F 128 6.10 -16.90 -35.66
N HIS F 129 6.06 -17.18 -34.35
CA HIS F 129 6.48 -16.22 -33.30
C HIS F 129 8.00 -16.04 -33.37
N GLU F 130 8.75 -17.13 -33.49
CA GLU F 130 10.22 -17.02 -33.63
C GLU F 130 10.57 -16.12 -34.84
N SER F 131 9.79 -16.20 -35.93
CA SER F 131 10.01 -15.46 -37.21
C SER F 131 9.96 -13.96 -36.94
N PHE F 132 9.14 -13.55 -35.96
CA PHE F 132 8.93 -12.15 -35.52
C PHE F 132 9.85 -11.78 -34.37
N GLY F 133 10.88 -12.59 -34.11
CA GLY F 133 11.89 -12.36 -33.06
C GLY F 133 11.40 -12.68 -31.65
N LEU F 134 10.21 -13.27 -31.44
CA LEU F 134 9.75 -13.62 -30.06
C LEU F 134 10.50 -14.83 -29.50
N ASN F 135 10.60 -14.85 -28.17
CA ASN F 135 11.32 -15.88 -27.38
C ASN F 135 10.53 -17.21 -27.46
N LYS F 136 11.25 -18.29 -27.77
CA LYS F 136 10.69 -19.63 -28.10
C LYS F 136 9.99 -20.22 -26.87
N GLU F 137 10.67 -20.22 -25.72
CA GLU F 137 10.10 -20.75 -24.45
C GLU F 137 8.87 -19.93 -24.05
N GLU F 138 8.88 -18.60 -24.20
CA GLU F 138 7.74 -17.76 -23.75
C GLU F 138 6.53 -17.91 -24.69
N SER F 139 6.76 -18.13 -25.98
CA SER F 139 5.68 -18.34 -26.97
C SER F 139 5.09 -19.74 -26.72
N THR F 140 5.91 -20.70 -26.29
CA THR F 140 5.48 -22.08 -25.92
C THR F 140 4.55 -21.98 -24.70
N GLU F 141 4.92 -21.22 -23.67
CA GLU F 141 4.03 -20.89 -22.53
C GLU F 141 2.76 -20.23 -23.01
N ALA F 142 2.86 -19.22 -23.88
CA ALA F 142 1.67 -18.48 -24.38
C ALA F 142 0.67 -19.47 -25.00
N PHE F 143 1.15 -20.36 -25.88
CA PHE F 143 0.38 -21.46 -26.49
C PHE F 143 -0.34 -22.28 -25.40
N LYS F 144 0.36 -22.89 -24.46
CA LYS F 144 -0.28 -23.67 -23.35
C LYS F 144 -1.47 -22.89 -22.77
N LYS F 145 -1.27 -21.65 -22.33
CA LYS F 145 -2.31 -20.74 -21.78
C LYS F 145 -3.48 -20.50 -22.76
N LEU F 146 -3.22 -20.47 -24.07
CA LEU F 146 -4.31 -20.33 -25.08
C LEU F 146 -5.07 -21.65 -25.25
N ALA F 147 -4.36 -22.80 -25.30
CA ALA F 147 -4.84 -24.09 -25.84
C ALA F 147 -5.67 -24.88 -24.80
N LYS F 148 -5.69 -24.40 -23.54
CA LYS F 148 -6.49 -24.92 -22.38
C LYS F 148 -6.52 -26.45 -22.41
N GLY F 149 -5.34 -27.05 -22.38
CA GLY F 149 -5.15 -28.51 -22.29
C GLY F 149 -5.11 -29.23 -23.63
N LYS F 150 -5.46 -28.63 -24.78
CA LYS F 150 -5.53 -29.35 -26.09
C LYS F 150 -4.22 -29.22 -26.86
N ASP F 151 -3.95 -30.14 -27.78
CA ASP F 151 -2.67 -30.17 -28.53
C ASP F 151 -2.72 -29.17 -29.71
N SER F 152 -3.89 -28.60 -30.02
CA SER F 152 -4.01 -27.58 -31.09
C SER F 152 -5.17 -26.63 -30.79
N ILE F 153 -5.13 -25.47 -31.43
CA ILE F 153 -6.16 -24.40 -31.34
C ILE F 153 -6.99 -24.41 -32.62
N SER F 154 -8.29 -24.70 -32.44
CA SER F 154 -9.31 -24.81 -33.52
C SER F 154 -9.58 -23.42 -34.08
N TRP F 155 -10.11 -23.33 -35.30
CA TRP F 155 -10.54 -22.04 -35.89
C TRP F 155 -11.57 -21.36 -34.97
N ALA F 156 -12.55 -22.08 -34.42
CA ALA F 156 -13.59 -21.55 -33.50
C ALA F 156 -12.93 -20.92 -32.26
N ASP F 157 -11.98 -21.63 -31.61
CA ASP F 157 -11.28 -21.18 -30.37
C ASP F 157 -10.39 -19.98 -30.70
N PHE F 158 -9.68 -20.03 -31.82
CA PHE F 158 -8.79 -18.93 -32.25
C PHE F 158 -9.60 -17.64 -32.42
N GLN F 159 -10.80 -17.69 -32.96
CA GLN F 159 -11.60 -16.45 -33.18
C GLN F 159 -11.99 -15.83 -31.84
N GLU F 160 -12.42 -16.64 -30.84
CA GLU F 160 -12.81 -16.14 -29.50
C GLU F 160 -11.60 -15.46 -28.85
N LEU F 161 -10.42 -16.10 -28.91
CA LEU F 161 -9.16 -15.56 -28.32
C LEU F 161 -8.75 -14.26 -29.00
N TRP F 162 -8.88 -14.22 -30.35
CA TRP F 162 -8.59 -13.06 -31.21
C TRP F 162 -9.44 -11.86 -30.73
N LYS F 163 -10.75 -12.03 -30.68
CA LYS F 163 -11.69 -10.93 -30.31
C LYS F 163 -11.36 -10.41 -28.90
N GLU F 164 -11.06 -11.32 -27.97
CA GLU F 164 -10.62 -10.94 -26.62
C GLU F 164 -9.37 -10.03 -26.70
N TYR F 165 -8.34 -10.44 -27.44
CA TYR F 165 -7.08 -9.65 -27.51
C TYR F 165 -7.42 -8.21 -27.92
N PHE F 166 -8.26 -8.05 -28.95
CA PHE F 166 -8.51 -6.73 -29.60
C PHE F 166 -9.57 -5.92 -28.83
N SER F 167 -10.53 -6.56 -28.16
CA SER F 167 -11.71 -5.88 -27.55
C SER F 167 -11.56 -5.72 -26.02
N SER F 168 -10.90 -6.64 -25.31
CA SER F 168 -10.93 -6.64 -23.82
C SER F 168 -10.04 -5.53 -23.21
N ASP F 169 -10.58 -4.79 -22.25
CA ASP F 169 -9.85 -3.81 -21.40
C ASP F 169 -9.14 -4.50 -20.23
N ASP F 170 -9.41 -5.79 -19.98
CA ASP F 170 -8.87 -6.53 -18.83
C ASP F 170 -7.44 -6.95 -19.15
N PRO F 171 -6.42 -6.54 -18.35
CA PRO F 171 -5.03 -6.94 -18.63
C PRO F 171 -4.74 -8.44 -18.41
N ASP F 172 -5.66 -9.24 -17.84
CA ASP F 172 -5.45 -10.69 -17.57
C ASP F 172 -6.62 -11.56 -18.08
N VAL F 173 -6.79 -11.69 -19.40
CA VAL F 173 -7.68 -12.70 -20.03
C VAL F 173 -6.83 -13.55 -20.96
N PRO F 174 -7.14 -14.85 -21.16
CA PRO F 174 -6.32 -15.70 -22.01
C PRO F 174 -6.01 -15.15 -23.40
N GLY F 175 -6.97 -14.42 -23.96
CA GLY F 175 -6.88 -13.87 -25.33
C GLY F 175 -5.71 -12.91 -25.44
N ASN F 176 -5.28 -12.29 -24.33
CA ASN F 176 -4.18 -11.28 -24.37
C ASN F 176 -2.87 -11.93 -24.82
N TYR F 177 -2.79 -13.26 -24.80
CA TYR F 177 -1.54 -14.04 -25.03
C TYR F 177 -1.35 -14.44 -26.49
N ILE F 178 -2.36 -14.23 -27.30
CA ILE F 178 -2.39 -14.76 -28.69
C ILE F 178 -1.20 -14.22 -29.52
N PHE F 179 -0.63 -13.05 -29.19
CA PHE F 179 0.55 -12.50 -29.92
C PHE F 179 1.77 -12.66 -29.03
N GLY F 180 1.73 -13.69 -28.19
CA GLY F 180 2.81 -14.06 -27.26
C GLY F 180 3.00 -12.96 -26.21
N ARG F 181 4.09 -13.04 -25.44
CA ARG F 181 4.33 -12.16 -24.27
C ARG F 181 4.36 -10.69 -24.70
N LEU F 182 3.70 -9.83 -23.91
CA LEU F 182 3.40 -8.40 -24.21
C LEU F 182 4.63 -7.52 -23.94
#